data_2NY0
#
_entry.id   2NY0
#
_cell.length_a   71.887
_cell.length_b   87.309
_cell.length_c   196.459
_cell.angle_alpha   90.000
_cell.angle_beta   90.000
_cell.angle_gamma   90.000
#
_symmetry.space_group_name_H-M   'P 2 2 21'
#
loop_
_entity.id
_entity.type
_entity.pdbx_description
1 polymer 'ENVELOPE GLYCOPROTEIN GP120'
2 polymer 'T-cell surface glycoprotein CD4'
3 polymer 'ANTIBODY 17B, LIGHT CHAIN'
4 polymer 'ANTIBODY 17B, HEAVY CHAIN'
5 non-polymer 2-acetamido-2-deoxy-beta-D-glucopyranose
6 non-polymer HEXANE-1,6-DIOL
7 water water
#
loop_
_entity_poly.entity_id
_entity_poly.type
_entity_poly.pdbx_seq_one_letter_code
_entity_poly.pdbx_strand_id
1 'polypeptide(L)'
;EVVLVNVTENFNWCKNDMVEQMHEDIISLWDQSLKPCVKLTPLCVGAGSCNTSVITQACPKVSFEPIPIHYCAPAGFAIL
KCNNKTFNGTGPCTNVSTVQCTHGIRPVVSSQLLLNGSLAEEEVVIRSCNFTDNAKTIIVQLNTSVEINCTGAGHCNIAR
AKWNNTLKQIASKLREQFGNNKTIIFKQSSGGDPEIVTHWFNCGGEFFYCNSTQLFNSTWFNSTWSTEGSNNTEGSDTIT
LPCRIKQIINMWQKVGKMMYAPPISGQIRCSSNITGLLLTRDGGNSNNESEIFRPGGGDMRDNWRSELYKYKVVKIE
;
A
2 'polypeptide(L)'
;MKKVVLGKKGDTVELTCTASQKKSIQFHWKNSNQIKILGNQGSFLTKGPSKLNDRADSRRSLWDQGNFPLIIKNLKIEDS
DTYICEVEDQKEEVQLLVFGLTANSDTHLLQGQSLTLTLESPPGSSPSVQCRSPRGKNIQGGKTLSVSQLELQDSGTWTC
TVLQNQKKVEFKIDIVVLAFQKAS
;
B
3 'polypeptide(L)'
;DIVMTQSPATLSVSPGERATLSCRASESVSSDLAWYQQKPGQAPRLLIYGASTRATGVPARFSGSGSGAEFTLTISSLQS
EDFAVYYCQQYNNWPPRYTFGQGTRLEIKRTVAAPSVFIFPPSDEQLKSGTASVVCLLNNFYPREAKVQWKVDNALQSGN
SQESVTEQDSKDSTYSLSSTLTLSKADYEKHKVYACEVTHQGLSSPVTKSFNRG
;
C
4 'polypeptide(L)'
;EVQLVESGAEVKKPGSSVKVSCKASGDTFIRYSFTWVRQAPGQGLEWMGRIITILDVAHYAPHLQGRVTITADKSTSTVY
LELRNLRSDDTAVYFCAGVYEGEADEGEYDNNGFLKHWGQGTLVTVSSASTKGPSVFPLAPSSKSTSGGTAALGCLVKDY
FPEPVTVSWNSGALTSGVHTFPAVLQSSGLYSLSSVVTVPSSSLGTQTYICNVNHKPSNTKVDKKVEPK
;
D
#
# COMPACT_ATOMS: atom_id res chain seq x y z
N GLU A 1 -13.40 2.78 -54.07
CA GLU A 1 -14.47 3.65 -54.66
C GLU A 1 -14.17 3.96 -56.12
N VAL A 2 -13.18 4.82 -56.36
CA VAL A 2 -12.80 5.18 -57.72
C VAL A 2 -11.28 5.18 -57.90
N VAL A 3 -10.81 4.35 -58.83
CA VAL A 3 -9.39 4.26 -59.17
C VAL A 3 -8.93 5.47 -59.99
N LEU A 4 -7.75 5.98 -59.67
CA LEU A 4 -7.18 7.11 -60.41
C LEU A 4 -6.19 6.64 -61.46
N VAL A 5 -6.30 7.20 -62.66
CA VAL A 5 -5.45 6.80 -63.78
C VAL A 5 -4.39 7.86 -64.10
N ASN A 6 -3.15 7.40 -64.30
CA ASN A 6 -2.00 8.28 -64.56
C ASN A 6 -1.57 9.11 -63.35
N VAL A 7 -2.40 9.12 -62.31
CA VAL A 7 -2.07 9.83 -61.09
C VAL A 7 -1.03 9.05 -60.28
N THR A 8 0.10 9.70 -60.02
CA THR A 8 1.14 9.12 -59.18
C THR A 8 1.35 9.96 -57.93
N GLU A 9 0.90 9.43 -56.79
CA GLU A 9 0.96 10.15 -55.52
C GLU A 9 2.12 9.73 -54.63
N ASN A 10 2.65 10.69 -53.88
CA ASN A 10 3.78 10.45 -53.01
C ASN A 10 3.32 10.19 -51.58
N PHE A 11 3.75 9.05 -51.03
CA PHE A 11 3.37 8.65 -49.67
C PHE A 11 4.52 8.73 -48.67
N ASN A 12 4.18 9.00 -47.42
CA ASN A 12 5.14 8.89 -46.32
C ASN A 12 4.43 8.41 -45.07
N TRP A 13 4.42 7.10 -44.87
CA TRP A 13 3.66 6.46 -43.80
C TRP A 13 4.11 6.85 -42.39
N CYS A 14 5.36 7.33 -42.27
CA CYS A 14 5.92 7.71 -40.98
C CYS A 14 5.57 9.14 -40.56
N LYS A 15 5.00 9.91 -41.48
CA LYS A 15 4.45 11.23 -41.18
C LYS A 15 3.02 11.29 -41.71
N ASN A 16 2.11 10.65 -40.98
CA ASN A 16 0.73 10.48 -41.43
C ASN A 16 -0.25 10.83 -40.31
N ASP A 17 -0.98 11.92 -40.50
CA ASP A 17 -1.87 12.47 -39.46
C ASP A 17 -3.04 11.55 -39.12
N MET A 18 -3.32 10.56 -39.97
CA MET A 18 -4.34 9.57 -39.70
C MET A 18 -3.97 8.73 -38.47
N VAL A 19 -2.68 8.48 -38.29
CA VAL A 19 -2.17 7.70 -37.18
C VAL A 19 -2.44 8.39 -35.85
N GLU A 20 -2.18 9.70 -35.80
CA GLU A 20 -2.41 10.50 -34.61
C GLU A 20 -3.88 10.60 -34.24
N GLN A 21 -4.73 10.90 -35.22
CA GLN A 21 -6.17 11.00 -34.96
C GLN A 21 -6.72 9.69 -34.43
N MET A 22 -6.32 8.58 -35.04
CA MET A 22 -6.80 7.29 -34.60
C MET A 22 -6.30 6.96 -33.20
N HIS A 23 -5.04 7.28 -32.93
CA HIS A 23 -4.47 7.07 -31.61
C HIS A 23 -5.29 7.79 -30.54
N GLU A 24 -5.81 8.97 -30.87
CA GLU A 24 -6.60 9.75 -29.91
C GLU A 24 -8.00 9.17 -29.72
N ASP A 25 -8.59 8.70 -30.81
CA ASP A 25 -9.93 8.15 -30.77
C ASP A 25 -9.94 6.82 -30.02
N ILE A 26 -8.90 6.03 -30.23
CA ILE A 26 -8.79 4.75 -29.54
C ILE A 26 -8.54 4.97 -28.05
N ILE A 27 -7.76 5.98 -27.71
CA ILE A 27 -7.57 6.38 -26.33
C ILE A 27 -8.90 6.74 -25.67
N SER A 28 -9.71 7.56 -26.32
CA SER A 28 -10.99 7.98 -25.73
C SER A 28 -12.01 6.85 -25.73
N LEU A 29 -11.81 5.89 -26.63
CA LEU A 29 -12.66 4.72 -26.69
C LEU A 29 -12.38 3.79 -25.50
N TRP A 30 -11.23 3.98 -24.89
CA TRP A 30 -10.82 3.15 -23.76
C TRP A 30 -11.31 3.71 -22.44
N ASP A 31 -11.36 5.04 -22.35
CA ASP A 31 -11.79 5.71 -21.14
C ASP A 31 -13.26 5.47 -20.82
N GLN A 32 -14.13 5.58 -21.82
CA GLN A 32 -15.56 5.41 -21.59
C GLN A 32 -15.96 3.94 -21.46
N SER A 33 -15.02 3.04 -21.69
CA SER A 33 -15.29 1.60 -21.68
C SER A 33 -14.62 0.86 -20.53
N LEU A 34 -13.30 1.01 -20.41
CA LEU A 34 -12.52 0.28 -19.41
C LEU A 34 -11.99 1.23 -18.35
N LYS A 35 -12.80 1.51 -17.34
CA LYS A 35 -12.45 2.48 -16.30
C LYS A 35 -11.68 1.84 -15.14
N PRO A 36 -10.56 2.44 -14.75
CA PRO A 36 -9.75 1.94 -13.64
C PRO A 36 -10.33 2.37 -12.30
N CYS A 37 -10.14 1.52 -11.28
CA CYS A 37 -10.57 1.85 -9.92
C CYS A 37 -9.79 3.04 -9.41
N VAL A 38 -8.50 3.05 -9.69
CA VAL A 38 -7.62 4.16 -9.33
C VAL A 38 -6.74 4.51 -10.53
N LYS A 39 -6.49 5.81 -10.72
CA LYS A 39 -5.64 6.26 -11.81
C LYS A 39 -4.65 7.33 -11.34
N LEU A 40 -3.37 7.12 -11.63
CA LEU A 40 -2.29 7.99 -11.16
C LEU A 40 -1.50 8.57 -12.32
N THR A 41 -1.42 9.90 -12.39
CA THR A 41 -0.61 10.56 -13.42
C THR A 41 0.26 11.67 -12.81
N PRO A 42 1.50 11.81 -13.30
CA PRO A 42 2.41 12.80 -12.74
C PRO A 42 1.97 14.22 -13.04
N LEU A 43 2.48 15.17 -12.25
CA LEU A 43 2.22 16.58 -12.45
C LEU A 43 3.29 17.38 -11.73
N CYS A 44 4.41 17.60 -12.42
CA CYS A 44 5.54 18.34 -11.85
C CYS A 44 5.76 19.65 -12.60
N VAL A 45 4.66 20.29 -13.00
CA VAL A 45 4.71 21.58 -13.71
C VAL A 45 5.47 22.65 -12.91
N GLY A 46 5.17 22.73 -11.61
CA GLY A 46 5.83 23.70 -10.73
C GLY A 46 7.30 23.38 -10.53
N ALA A 47 8.12 24.42 -10.44
CA ALA A 47 9.56 24.26 -10.26
C ALA A 47 9.92 24.00 -8.80
N GLY A 48 9.54 22.82 -8.31
CA GLY A 48 9.82 22.43 -6.92
C GLY A 48 9.41 21.00 -6.65
N SER A 49 8.55 20.81 -5.66
CA SER A 49 8.04 19.48 -5.33
C SER A 49 7.21 18.92 -6.50
N CYS A 50 7.23 17.60 -6.66
CA CYS A 50 6.38 16.96 -7.65
C CYS A 50 4.99 16.71 -7.09
N ASN A 51 4.06 16.42 -7.96
CA ASN A 51 2.69 16.16 -7.56
C ASN A 51 2.10 15.01 -8.37
N THR A 52 1.29 14.19 -7.72
CA THR A 52 0.58 13.15 -8.43
C THR A 52 -0.90 13.46 -8.39
N SER A 53 -1.50 13.55 -9.57
CA SER A 53 -2.95 13.64 -9.67
C SER A 53 -3.51 12.23 -9.45
N VAL A 54 -4.42 12.11 -8.49
CA VAL A 54 -5.06 10.83 -8.19
C VAL A 54 -6.56 10.90 -8.39
N ILE A 55 -7.07 9.98 -9.20
CA ILE A 55 -8.51 9.85 -9.45
C ILE A 55 -8.99 8.47 -9.01
N THR A 56 -10.08 8.45 -8.23
CA THR A 56 -10.70 7.22 -7.76
C THR A 56 -12.15 7.21 -8.22
N GLN A 57 -12.60 6.08 -8.76
CA GLN A 57 -13.93 5.97 -9.35
C GLN A 57 -14.43 4.54 -9.42
N ALA A 58 -15.73 4.39 -9.61
CA ALA A 58 -16.35 3.08 -9.78
C ALA A 58 -15.78 2.41 -11.03
N CYS A 59 -15.43 1.14 -10.90
CA CYS A 59 -14.73 0.43 -11.97
C CYS A 59 -15.40 -0.89 -12.34
N PRO A 60 -16.54 -0.81 -13.05
CA PRO A 60 -17.32 -1.99 -13.43
C PRO A 60 -16.49 -2.98 -14.25
N LYS A 61 -16.68 -4.28 -14.00
CA LYS A 61 -16.00 -5.28 -14.81
C LYS A 61 -16.68 -5.35 -16.18
N VAL A 62 -15.90 -5.26 -17.25
CA VAL A 62 -16.45 -5.28 -18.59
C VAL A 62 -15.70 -6.27 -19.48
N SER A 63 -16.44 -7.18 -20.12
CA SER A 63 -15.85 -8.19 -20.99
C SER A 63 -15.49 -7.62 -22.36
N PHE A 64 -14.52 -6.72 -22.34
CA PHE A 64 -14.06 -5.96 -23.50
C PHE A 64 -13.91 -6.80 -24.78
N GLU A 65 -14.34 -6.23 -25.91
CA GLU A 65 -14.30 -6.92 -27.19
C GLU A 65 -14.35 -5.92 -28.35
N PRO A 66 -13.18 -5.56 -28.90
CA PRO A 66 -13.05 -4.50 -29.91
C PRO A 66 -13.84 -4.73 -31.21
N ILE A 67 -14.79 -3.82 -31.47
CA ILE A 67 -15.45 -3.74 -32.76
C ILE A 67 -14.52 -3.00 -33.74
N PRO A 68 -14.46 -3.48 -35.00
CA PRO A 68 -13.62 -2.82 -35.99
C PRO A 68 -13.95 -1.34 -36.14
N ILE A 69 -12.93 -0.50 -36.13
CA ILE A 69 -13.10 0.94 -36.30
C ILE A 69 -12.64 1.38 -37.67
N HIS A 70 -13.41 2.24 -38.30
CA HIS A 70 -13.04 2.81 -39.59
C HIS A 70 -12.61 4.26 -39.40
N TYR A 71 -11.56 4.66 -40.10
CA TYR A 71 -11.17 6.05 -40.13
C TYR A 71 -11.78 6.67 -41.38
N CYS A 72 -12.64 7.67 -41.18
CA CYS A 72 -13.28 8.34 -42.30
C CYS A 72 -12.76 9.77 -42.46
N ALA A 73 -12.81 10.27 -43.68
CA ALA A 73 -12.28 11.59 -44.01
C ALA A 73 -13.04 12.70 -43.30
N PRO A 74 -12.30 13.53 -42.54
CA PRO A 74 -12.87 14.68 -41.84
C PRO A 74 -13.16 15.82 -42.82
N ALA A 75 -14.01 16.75 -42.41
CA ALA A 75 -14.43 17.85 -43.28
C ALA A 75 -13.26 18.55 -43.96
N GLY A 76 -13.28 18.59 -45.28
CA GLY A 76 -12.28 19.32 -46.06
C GLY A 76 -11.10 18.50 -46.55
N PHE A 77 -11.10 17.20 -46.23
CA PHE A 77 -10.01 16.30 -46.64
C PHE A 77 -10.51 15.07 -47.39
N ALA A 78 -9.59 14.38 -48.05
CA ALA A 78 -9.90 13.14 -48.76
C ALA A 78 -8.83 12.06 -48.50
N ILE A 79 -9.24 10.80 -48.53
CA ILE A 79 -8.31 9.69 -48.28
C ILE A 79 -7.82 9.04 -49.56
N LEU A 80 -6.51 9.14 -49.80
CA LEU A 80 -5.88 8.45 -50.91
C LEU A 80 -5.35 7.11 -50.42
N LYS A 81 -5.55 6.06 -51.22
CA LYS A 81 -5.13 4.72 -50.87
C LYS A 81 -4.22 4.13 -51.94
N CYS A 82 -3.07 3.61 -51.52
CA CYS A 82 -2.18 2.93 -52.46
C CYS A 82 -2.60 1.48 -52.65
N ASN A 83 -2.73 1.06 -53.90
CA ASN A 83 -3.27 -0.25 -54.22
C ASN A 83 -2.21 -1.32 -54.46
N ASN A 84 -0.94 -0.90 -54.53
CA ASN A 84 0.16 -1.84 -54.65
C ASN A 84 0.04 -2.96 -53.62
N LYS A 85 0.14 -4.20 -54.07
CA LYS A 85 -0.01 -5.34 -53.17
C LYS A 85 1.13 -5.40 -52.16
N THR A 86 2.30 -4.88 -52.53
CA THR A 86 3.45 -4.81 -51.63
C THR A 86 4.03 -3.41 -51.62
N PHE A 87 3.46 -2.53 -50.79
CA PHE A 87 3.89 -1.15 -50.71
C PHE A 87 4.59 -0.88 -49.39
N ASN A 88 5.78 -0.27 -49.45
CA ASN A 88 6.57 0.00 -48.25
C ASN A 88 6.24 1.32 -47.56
N GLY A 89 5.20 2.00 -48.05
CA GLY A 89 4.72 3.21 -47.40
C GLY A 89 5.45 4.50 -47.75
N THR A 90 6.58 4.37 -48.45
CA THR A 90 7.37 5.53 -48.83
C THR A 90 7.61 5.56 -50.35
N GLY A 91 7.74 6.77 -50.89
CA GLY A 91 7.97 6.94 -52.32
C GLY A 91 6.68 7.09 -53.11
N PRO A 92 6.79 7.05 -54.45
CA PRO A 92 5.62 7.23 -55.30
C PRO A 92 4.80 5.94 -55.45
N CYS A 93 3.48 6.09 -55.43
CA CYS A 93 2.56 5.00 -55.70
C CYS A 93 1.86 5.27 -57.02
N THR A 94 2.01 4.36 -57.97
CA THR A 94 1.45 4.54 -59.31
C THR A 94 -0.02 4.10 -59.41
N ASN A 95 -0.38 3.09 -58.62
CA ASN A 95 -1.75 2.59 -58.59
C ASN A 95 -2.49 3.06 -57.33
N VAL A 96 -3.18 4.18 -57.45
CA VAL A 96 -3.87 4.79 -56.31
C VAL A 96 -5.32 5.12 -56.59
N SER A 97 -6.17 4.94 -55.57
CA SER A 97 -7.58 5.30 -55.68
C SER A 97 -8.01 6.21 -54.52
N THR A 98 -9.24 6.70 -54.58
CA THR A 98 -9.81 7.51 -53.49
C THR A 98 -10.88 6.69 -52.79
N VAL A 99 -10.96 6.83 -51.47
CA VAL A 99 -11.92 6.05 -50.70
C VAL A 99 -12.67 6.89 -49.68
N GLN A 100 -13.89 6.45 -49.36
CA GLN A 100 -14.70 7.06 -48.31
C GLN A 100 -13.98 6.94 -46.97
N CYS A 101 -13.82 5.70 -46.52
CA CYS A 101 -13.17 5.40 -45.26
C CYS A 101 -12.13 4.30 -45.45
N THR A 102 -11.31 4.08 -44.43
CA THR A 102 -10.35 2.98 -44.44
C THR A 102 -11.09 1.67 -44.26
N HIS A 103 -10.36 0.56 -44.35
CA HIS A 103 -10.93 -0.75 -44.01
C HIS A 103 -11.10 -0.79 -42.50
N GLY A 104 -11.85 -1.78 -42.01
CA GLY A 104 -12.09 -1.90 -40.57
C GLY A 104 -10.86 -2.33 -39.80
N ILE A 105 -10.40 -1.47 -38.89
CA ILE A 105 -9.24 -1.75 -38.05
C ILE A 105 -9.66 -2.23 -36.66
N ARG A 106 -9.05 -3.31 -36.19
CA ARG A 106 -9.27 -3.73 -34.80
C ARG A 106 -8.31 -2.99 -33.89
N PRO A 107 -8.86 -2.17 -32.97
CA PRO A 107 -8.11 -1.33 -32.07
C PRO A 107 -7.53 -2.13 -30.91
N VAL A 108 -6.77 -3.16 -31.23
CA VAL A 108 -6.14 -4.01 -30.22
C VAL A 108 -4.96 -3.31 -29.56
N VAL A 109 -4.91 -3.35 -28.23
CA VAL A 109 -3.77 -2.84 -27.51
C VAL A 109 -2.87 -3.99 -27.07
N SER A 110 -1.66 -4.05 -27.62
CA SER A 110 -0.74 -5.13 -27.32
C SER A 110 0.72 -4.71 -27.55
N SER A 111 1.65 -5.46 -26.96
CA SER A 111 3.05 -5.33 -27.31
C SER A 111 3.56 -6.61 -28.00
N GLN A 112 4.71 -6.50 -28.66
CA GLN A 112 5.40 -7.65 -29.26
C GLN A 112 4.70 -8.29 -30.46
N LEU A 113 3.43 -8.66 -30.30
CA LEU A 113 2.70 -9.33 -31.36
C LEU A 113 1.47 -8.53 -31.77
N LEU A 114 1.25 -8.42 -33.08
CA LEU A 114 0.07 -7.76 -33.61
C LEU A 114 -1.03 -8.80 -33.83
N LEU A 115 -2.20 -8.57 -33.25
CA LEU A 115 -3.24 -9.59 -33.23
C LEU A 115 -4.49 -9.18 -34.00
N ASN A 116 -5.10 -10.14 -34.68
CA ASN A 116 -6.34 -9.91 -35.43
C ASN A 116 -6.23 -8.79 -36.46
N GLY A 117 -5.03 -8.61 -37.01
CA GLY A 117 -4.79 -7.56 -38.00
C GLY A 117 -4.86 -8.04 -39.43
N SER A 118 -4.27 -7.27 -40.35
CA SER A 118 -4.23 -7.64 -41.77
C SER A 118 -2.94 -8.38 -42.13
N LEU A 119 -3.07 -9.34 -43.04
CA LEU A 119 -1.93 -10.09 -43.53
C LEU A 119 -1.40 -9.49 -44.83
N ALA A 120 -0.12 -9.70 -45.11
CA ALA A 120 0.45 -9.30 -46.38
C ALA A 120 -0.12 -10.19 -47.47
N GLU A 121 -0.57 -9.57 -48.56
CA GLU A 121 -1.22 -10.32 -49.64
C GLU A 121 -0.28 -11.33 -50.30
N GLU A 122 1.01 -11.01 -50.30
CA GLU A 122 1.97 -11.83 -51.03
C GLU A 122 2.96 -12.52 -50.11
N GLU A 123 4.13 -11.92 -49.94
CA GLU A 123 5.14 -12.48 -49.05
C GLU A 123 5.19 -11.70 -47.73
N VAL A 124 5.92 -12.24 -46.75
CA VAL A 124 6.14 -11.50 -45.52
C VAL A 124 6.79 -10.16 -45.84
N VAL A 125 6.32 -9.10 -45.18
CA VAL A 125 6.88 -7.77 -45.36
C VAL A 125 7.41 -7.22 -44.02
N ILE A 126 8.58 -6.60 -44.06
CA ILE A 126 9.09 -5.90 -42.89
C ILE A 126 9.24 -4.39 -43.19
N ARG A 127 8.84 -3.57 -42.22
CA ARG A 127 8.82 -2.11 -42.39
C ARG A 127 9.53 -1.41 -41.23
N SER A 128 10.14 -0.27 -41.52
CA SER A 128 10.71 0.60 -40.49
C SER A 128 10.83 2.02 -41.00
N CYS A 129 10.81 2.98 -40.08
CA CYS A 129 10.98 4.39 -40.44
C CYS A 129 12.44 4.76 -40.62
N ASN A 130 13.33 3.85 -40.23
CA ASN A 130 14.77 4.04 -40.35
C ASN A 130 15.47 2.74 -39.93
N PHE A 131 15.73 1.88 -40.91
CA PHE A 131 16.36 0.58 -40.66
C PHE A 131 17.76 0.72 -40.10
N THR A 132 18.45 1.81 -40.44
CA THR A 132 19.79 2.07 -39.94
C THR A 132 19.80 2.40 -38.45
N ASP A 133 18.67 2.88 -37.95
CA ASP A 133 18.56 3.22 -36.54
C ASP A 133 18.10 2.03 -35.70
N ASN A 134 18.99 1.53 -34.86
CA ASN A 134 18.69 0.35 -34.04
C ASN A 134 17.58 0.60 -33.02
N ALA A 135 17.23 1.87 -32.81
CA ALA A 135 16.20 2.25 -31.84
C ALA A 135 14.77 2.32 -32.40
N LYS A 136 14.64 2.30 -33.72
CA LYS A 136 13.32 2.35 -34.37
C LYS A 136 12.67 0.97 -34.50
N THR A 137 11.37 0.91 -34.22
CA THR A 137 10.60 -0.32 -34.30
C THR A 137 10.63 -0.90 -35.72
N ILE A 138 10.77 -2.22 -35.82
CA ILE A 138 10.63 -2.90 -37.09
C ILE A 138 9.30 -3.64 -37.11
N ILE A 139 8.40 -3.23 -38.00
CA ILE A 139 7.08 -3.83 -38.09
C ILE A 139 7.06 -4.99 -39.09
N VAL A 140 6.63 -6.16 -38.61
CA VAL A 140 6.55 -7.33 -39.47
C VAL A 140 5.10 -7.64 -39.81
N GLN A 141 4.85 -7.91 -41.08
CA GLN A 141 3.53 -8.34 -41.54
C GLN A 141 3.63 -9.74 -42.14
N LEU A 142 2.97 -10.68 -41.51
CA LEU A 142 2.97 -12.08 -41.97
C LEU A 142 2.02 -12.21 -43.14
N ASN A 143 2.24 -13.21 -43.98
CA ASN A 143 1.30 -13.57 -45.03
C ASN A 143 0.45 -14.78 -44.65
N THR A 144 0.81 -15.40 -43.53
CA THR A 144 0.07 -16.53 -42.96
C THR A 144 -0.05 -16.32 -41.45
N SER A 145 -1.29 -16.36 -40.95
CA SER A 145 -1.54 -16.11 -39.53
C SER A 145 -1.19 -17.33 -38.67
N VAL A 146 -0.77 -17.04 -37.44
CA VAL A 146 -0.39 -18.06 -36.47
C VAL A 146 -1.26 -17.89 -35.23
N GLU A 147 -1.98 -18.95 -34.87
CA GLU A 147 -2.89 -18.88 -33.72
C GLU A 147 -2.17 -18.79 -32.38
N ILE A 148 -2.72 -18.00 -31.48
CA ILE A 148 -2.27 -17.96 -30.10
C ILE A 148 -3.48 -18.07 -29.17
N ASN A 149 -3.53 -19.14 -28.38
CA ASN A 149 -4.67 -19.42 -27.53
C ASN A 149 -4.31 -19.17 -26.07
N CYS A 150 -4.98 -18.21 -25.44
CA CYS A 150 -4.66 -17.84 -24.07
C CYS A 150 -5.83 -18.06 -23.12
N THR A 151 -5.50 -18.44 -21.88
CA THR A 151 -6.47 -18.65 -20.82
C THR A 151 -6.10 -17.87 -19.56
N GLY A 152 -7.11 -17.41 -18.83
CA GLY A 152 -6.88 -16.70 -17.56
C GLY A 152 -6.30 -17.60 -16.48
N ALA A 153 -6.21 -18.89 -16.77
CA ALA A 153 -5.61 -19.86 -15.87
C ALA A 153 -4.09 -19.79 -15.94
N GLY A 154 -3.57 -18.93 -16.80
CA GLY A 154 -2.15 -18.58 -16.75
C GLY A 154 -1.21 -18.99 -17.87
N HIS A 155 -1.73 -19.21 -19.07
CA HIS A 155 -0.84 -19.52 -20.19
C HIS A 155 -1.42 -19.20 -21.57
N CYS A 156 -0.54 -19.10 -22.57
CA CYS A 156 -0.93 -19.01 -23.98
C CYS A 156 -0.27 -20.16 -24.74
N ASN A 157 -1.03 -20.80 -25.64
CA ASN A 157 -0.50 -21.87 -26.50
C ASN A 157 -0.27 -21.42 -27.94
N ILE A 158 0.87 -21.82 -28.49
CA ILE A 158 1.18 -21.59 -29.90
C ILE A 158 1.77 -22.85 -30.49
N ALA A 159 1.31 -23.23 -31.69
CA ALA A 159 1.85 -24.41 -32.37
C ALA A 159 3.31 -24.19 -32.73
N ARG A 160 4.18 -25.13 -32.35
CA ARG A 160 5.62 -24.95 -32.54
C ARG A 160 6.03 -24.99 -34.01
N ALA A 161 5.50 -25.96 -34.75
CA ALA A 161 5.84 -26.11 -36.15
C ALA A 161 5.49 -24.85 -36.94
N LYS A 162 4.30 -24.32 -36.71
CA LYS A 162 3.87 -23.09 -37.37
C LYS A 162 4.78 -21.92 -37.03
N TRP A 163 5.10 -21.77 -35.74
CA TRP A 163 5.96 -20.66 -35.32
C TRP A 163 7.35 -20.77 -35.94
N ASN A 164 7.93 -21.96 -35.92
CA ASN A 164 9.25 -22.16 -36.51
C ASN A 164 9.28 -21.76 -37.99
N ASN A 165 8.26 -22.17 -38.74
CA ASN A 165 8.18 -21.82 -40.16
C ASN A 165 8.06 -20.31 -40.35
N THR A 166 7.28 -19.68 -39.49
CA THR A 166 7.10 -18.23 -39.49
C THR A 166 8.42 -17.51 -39.25
N LEU A 167 9.16 -17.97 -38.26
CA LEU A 167 10.48 -17.41 -37.94
C LEU A 167 11.46 -17.53 -39.12
N LYS A 168 11.40 -18.67 -39.82
CA LYS A 168 12.26 -18.89 -41.00
C LYS A 168 11.97 -17.86 -42.08
N GLN A 169 10.70 -17.50 -42.21
CA GLN A 169 10.29 -16.51 -43.19
C GLN A 169 10.66 -15.10 -42.76
N ILE A 170 10.64 -14.81 -41.45
CA ILE A 170 11.07 -13.51 -40.95
C ILE A 170 12.56 -13.35 -41.19
N ALA A 171 13.33 -14.37 -40.82
CA ALA A 171 14.78 -14.34 -40.96
C ALA A 171 15.20 -14.13 -42.40
N SER A 172 14.52 -14.81 -43.33
CA SER A 172 14.76 -14.62 -44.76
C SER A 172 14.64 -13.15 -45.15
N LYS A 173 13.50 -12.54 -44.80
CA LYS A 173 13.24 -11.13 -45.09
C LYS A 173 14.21 -10.17 -44.41
N LEU A 174 14.62 -10.52 -43.19
CA LEU A 174 15.54 -9.68 -42.44
C LEU A 174 16.92 -9.61 -43.10
N ARG A 175 17.47 -10.76 -43.49
CA ARG A 175 18.81 -10.75 -44.10
C ARG A 175 18.76 -10.27 -45.55
N GLU A 176 17.55 -10.21 -46.09
CA GLU A 176 17.30 -9.57 -47.37
C GLU A 176 17.50 -8.06 -47.20
N GLN A 177 17.37 -7.59 -45.96
CA GLN A 177 17.46 -6.18 -45.64
C GLN A 177 18.81 -5.79 -45.00
N PHE A 178 19.44 -6.73 -44.30
CA PHE A 178 20.67 -6.41 -43.57
C PHE A 178 21.94 -7.11 -44.09
N GLY A 179 21.77 -8.04 -45.03
CA GLY A 179 22.91 -8.73 -45.60
C GLY A 179 22.74 -10.24 -45.67
N ASN A 180 22.89 -10.78 -46.87
CA ASN A 180 22.69 -12.22 -47.11
C ASN A 180 23.77 -13.10 -46.50
N ASN A 181 24.85 -12.48 -46.02
CA ASN A 181 25.93 -13.21 -45.38
C ASN A 181 25.82 -13.14 -43.85
N LYS A 182 24.66 -12.70 -43.36
CA LYS A 182 24.47 -12.50 -41.92
C LYS A 182 23.64 -13.58 -41.24
N THR A 183 24.08 -13.98 -40.05
CA THR A 183 23.33 -14.88 -39.20
C THR A 183 22.24 -14.07 -38.48
N ILE A 184 21.01 -14.58 -38.51
CA ILE A 184 19.89 -13.91 -37.84
C ILE A 184 19.58 -14.61 -36.52
N ILE A 185 19.63 -13.86 -35.42
CA ILE A 185 19.36 -14.38 -34.09
C ILE A 185 18.16 -13.70 -33.45
N PHE A 186 17.25 -14.49 -32.92
CA PHE A 186 16.15 -13.96 -32.11
C PHE A 186 16.44 -14.17 -30.64
N LYS A 187 16.30 -13.11 -29.84
CA LYS A 187 16.49 -13.17 -28.39
C LYS A 187 15.32 -12.52 -27.66
N GLN A 188 15.13 -12.91 -26.40
CA GLN A 188 14.12 -12.29 -25.55
C GLN A 188 14.38 -10.79 -25.40
N SER A 189 13.36 -10.06 -24.97
CA SER A 189 13.48 -8.64 -24.66
C SER A 189 14.61 -8.36 -23.68
N SER A 190 15.32 -7.25 -23.92
CA SER A 190 16.49 -6.91 -23.10
C SER A 190 16.12 -6.23 -21.76
N GLY A 191 14.92 -5.68 -21.67
CA GLY A 191 14.45 -5.12 -20.41
C GLY A 191 13.52 -3.94 -20.54
N GLY A 192 13.11 -3.37 -19.42
CA GLY A 192 12.22 -2.22 -19.40
C GLY A 192 10.95 -2.50 -18.64
N ASP A 193 9.88 -1.80 -18.98
CA ASP A 193 8.58 -2.00 -18.33
C ASP A 193 8.00 -3.37 -18.66
N PRO A 194 7.30 -3.99 -17.70
CA PRO A 194 6.66 -5.31 -17.89
C PRO A 194 5.78 -5.39 -19.13
N GLU A 195 5.04 -4.32 -19.40
CA GLU A 195 4.15 -4.27 -20.56
C GLU A 195 4.93 -4.43 -21.88
N ILE A 196 6.25 -4.25 -21.80
CA ILE A 196 7.13 -4.16 -22.96
C ILE A 196 8.08 -5.36 -23.02
N VAL A 197 8.41 -5.90 -21.86
CA VAL A 197 9.28 -7.06 -21.73
C VAL A 197 8.52 -8.37 -21.98
N THR A 198 7.24 -8.38 -21.67
CA THR A 198 6.41 -9.54 -21.95
C THR A 198 5.51 -9.24 -23.14
N HIS A 199 4.97 -10.29 -23.75
CA HIS A 199 3.88 -10.09 -24.69
C HIS A 199 2.68 -9.67 -23.87
N TRP A 200 2.28 -8.42 -24.00
CA TRP A 200 1.26 -7.83 -23.16
C TRP A 200 0.05 -7.47 -23.99
N PHE A 201 -1.13 -7.74 -23.45
CA PHE A 201 -2.37 -7.53 -24.19
C PHE A 201 -3.53 -7.59 -23.22
N ASN A 202 -4.71 -7.18 -23.67
CA ASN A 202 -5.89 -7.31 -22.84
C ASN A 202 -6.92 -8.27 -23.45
N CYS A 203 -7.47 -9.14 -22.63
CA CYS A 203 -8.34 -10.21 -23.10
C CYS A 203 -9.47 -10.41 -22.10
N GLY A 204 -10.71 -10.31 -22.56
CA GLY A 204 -11.86 -10.43 -21.69
C GLY A 204 -11.85 -9.35 -20.62
N GLY A 205 -11.30 -8.19 -20.95
CA GLY A 205 -11.26 -7.06 -20.03
C GLY A 205 -10.04 -7.05 -19.12
N GLU A 206 -9.29 -8.15 -19.12
CA GLU A 206 -8.16 -8.32 -18.22
C GLU A 206 -6.85 -8.10 -18.95
N PHE A 207 -5.84 -7.64 -18.23
CA PHE A 207 -4.50 -7.46 -18.80
C PHE A 207 -3.57 -8.65 -18.55
N PHE A 208 -3.18 -9.31 -19.63
CA PHE A 208 -2.30 -10.48 -19.59
C PHE A 208 -0.87 -10.05 -19.82
N TYR A 209 0.05 -10.68 -19.08
CA TYR A 209 1.49 -10.45 -19.22
C TYR A 209 2.16 -11.81 -19.44
N CYS A 210 2.55 -12.07 -20.69
CA CYS A 210 3.03 -13.40 -21.10
C CYS A 210 4.53 -13.45 -21.43
N ASN A 211 5.24 -14.34 -20.74
CA ASN A 211 6.66 -14.54 -20.99
C ASN A 211 6.93 -15.11 -22.39
N SER A 212 7.52 -14.31 -23.26
CA SER A 212 7.70 -14.69 -24.67
C SER A 212 9.09 -15.24 -25.00
N THR A 213 9.91 -15.49 -23.99
CA THR A 213 11.25 -16.03 -24.21
C THR A 213 11.27 -17.21 -25.18
N GLN A 214 10.32 -18.13 -25.02
CA GLN A 214 10.26 -19.32 -25.88
C GLN A 214 10.01 -19.02 -27.35
N LEU A 215 9.42 -17.86 -27.65
CA LEU A 215 9.17 -17.46 -29.03
C LEU A 215 10.40 -16.86 -29.69
N PHE A 216 11.32 -16.36 -28.88
CA PHE A 216 12.47 -15.62 -29.37
C PHE A 216 13.76 -16.15 -28.79
N ASN A 217 14.17 -17.30 -29.32
CA ASN A 217 15.33 -18.02 -28.81
C ASN A 217 15.83 -18.98 -29.88
N SER A 218 16.26 -18.43 -31.02
CA SER A 218 16.71 -19.26 -32.13
C SER A 218 17.72 -18.55 -33.02
N THR A 219 18.57 -19.34 -33.66
CA THR A 219 19.58 -18.84 -34.58
C THR A 219 19.33 -19.39 -35.97
N TRP A 220 19.48 -18.54 -36.98
CA TRP A 220 19.16 -18.93 -38.35
C TRP A 220 20.30 -18.67 -39.32
N PHE A 221 20.48 -19.60 -40.27
CA PHE A 221 21.52 -19.51 -41.29
C PHE A 221 22.93 -19.46 -40.69
N ASN A 222 23.10 -20.18 -39.59
CA ASN A 222 24.39 -20.27 -38.92
C ASN A 222 25.16 -21.51 -39.39
N SER A 223 24.95 -22.62 -38.69
CA SER A 223 25.62 -23.86 -39.03
C SER A 223 24.86 -24.62 -40.12
N THR A 224 23.86 -25.41 -39.70
CA THR A 224 23.07 -26.21 -40.63
C THR A 224 21.59 -26.14 -40.29
N GLY A 235 10.77 -30.04 -31.40
CA GLY A 235 10.89 -30.47 -30.01
C GLY A 235 9.55 -30.89 -29.43
N SER A 236 8.89 -29.96 -28.74
CA SER A 236 7.56 -30.21 -28.19
C SER A 236 6.48 -29.70 -29.15
N ASP A 237 5.38 -30.44 -29.25
CA ASP A 237 4.26 -30.08 -30.13
C ASP A 237 3.83 -28.61 -30.05
N THR A 238 3.59 -28.12 -28.85
CA THR A 238 3.14 -26.74 -28.68
C THR A 238 4.10 -25.93 -27.84
N ILE A 239 4.09 -24.61 -28.06
CA ILE A 239 4.78 -23.67 -27.22
C ILE A 239 3.80 -23.16 -26.19
N THR A 240 4.09 -23.39 -24.92
CA THR A 240 3.25 -22.91 -23.84
C THR A 240 3.97 -21.80 -23.09
N LEU A 241 3.52 -20.56 -23.29
CA LEU A 241 4.06 -19.39 -22.61
C LEU A 241 3.33 -19.20 -21.29
N PRO A 242 4.10 -19.09 -20.18
CA PRO A 242 3.50 -18.84 -18.88
C PRO A 242 3.04 -17.38 -18.79
N CYS A 243 1.81 -17.15 -18.30
CA CYS A 243 1.27 -15.81 -18.24
C CYS A 243 0.72 -15.44 -16.87
N ARG A 244 0.43 -14.15 -16.74
CA ARG A 244 0.02 -13.56 -15.50
C ARG A 244 -0.99 -12.47 -15.83
N ILE A 245 -2.15 -12.50 -15.18
CA ILE A 245 -3.09 -11.38 -15.20
C ILE A 245 -2.71 -10.41 -14.08
N LYS A 246 -2.63 -9.12 -14.39
CA LYS A 246 -2.25 -8.15 -13.38
C LYS A 246 -3.30 -7.06 -13.16
N GLN A 247 -3.23 -6.42 -11.99
CA GLN A 247 -4.20 -5.42 -11.59
C GLN A 247 -3.62 -4.00 -11.61
N ILE A 248 -2.30 -3.90 -11.41
CA ILE A 248 -1.61 -2.61 -11.46
C ILE A 248 -0.83 -2.49 -12.75
N ILE A 249 -1.26 -1.56 -13.60
CA ILE A 249 -0.82 -1.48 -15.00
C ILE A 249 -0.15 -0.15 -15.26
N ASN A 250 0.91 -0.15 -16.05
CA ASN A 250 1.47 1.10 -16.58
C ASN A 250 0.62 1.54 -17.77
N MET A 251 0.21 2.82 -17.76
CA MET A 251 -0.64 3.35 -18.82
C MET A 251 0.12 3.40 -20.15
N TRP A 252 -0.58 3.06 -21.24
CA TRP A 252 -0.03 3.22 -22.59
C TRP A 252 -0.45 4.55 -23.23
N GLN A 253 -1.47 5.18 -22.66
CA GLN A 253 -2.06 6.39 -23.23
C GLN A 253 -1.19 7.61 -22.96
N LYS A 254 -0.37 7.50 -21.91
CA LYS A 254 0.51 8.58 -21.47
C LYS A 254 1.23 8.03 -20.24
N VAL A 255 2.14 8.81 -19.68
CA VAL A 255 2.88 8.36 -18.50
C VAL A 255 1.96 8.32 -17.27
N GLY A 256 1.87 7.15 -16.64
CA GLY A 256 1.07 7.01 -15.42
C GLY A 256 0.78 5.57 -15.04
N LYS A 257 -0.02 5.39 -13.99
CA LYS A 257 -0.42 4.05 -13.54
C LYS A 257 -1.92 3.93 -13.30
N MET A 258 -2.43 2.73 -13.50
CA MET A 258 -3.84 2.41 -13.26
C MET A 258 -3.98 1.15 -12.42
N MET A 259 -5.03 1.09 -11.61
CA MET A 259 -5.35 -0.11 -10.86
C MET A 259 -6.75 -0.57 -11.23
N TYR A 260 -6.88 -1.85 -11.53
CA TYR A 260 -8.16 -2.45 -11.82
C TYR A 260 -8.48 -3.47 -10.74
N ALA A 261 -9.72 -3.94 -10.73
CA ALA A 261 -10.15 -4.97 -9.78
C ALA A 261 -9.77 -6.37 -10.27
N PRO A 262 -9.60 -7.31 -9.32
CA PRO A 262 -9.33 -8.72 -9.67
C PRO A 262 -10.41 -9.30 -10.58
N PRO A 263 -10.10 -10.37 -11.33
CA PRO A 263 -11.06 -10.95 -12.25
C PRO A 263 -12.27 -11.52 -11.52
N ILE A 264 -13.42 -11.59 -12.20
CA ILE A 264 -14.62 -12.20 -11.61
C ILE A 264 -15.09 -13.41 -12.41
N SER A 265 -14.34 -13.75 -13.45
CA SER A 265 -14.66 -14.92 -14.26
C SER A 265 -13.62 -16.01 -14.09
N GLY A 266 -14.09 -17.24 -13.95
CA GLY A 266 -13.20 -18.40 -13.92
C GLY A 266 -12.93 -18.97 -15.30
N GLN A 267 -13.53 -18.38 -16.32
CA GLN A 267 -13.36 -18.86 -17.69
C GLN A 267 -13.00 -17.76 -18.68
N ILE A 268 -11.85 -17.13 -18.45
CA ILE A 268 -11.34 -16.14 -19.38
C ILE A 268 -10.60 -16.87 -20.48
N ARG A 269 -11.02 -16.66 -21.72
CA ARG A 269 -10.42 -17.32 -22.86
C ARG A 269 -10.49 -16.39 -24.04
N CYS A 270 -9.40 -16.31 -24.80
CA CYS A 270 -9.50 -15.72 -26.14
C CYS A 270 -8.40 -16.21 -27.07
N SER A 271 -8.83 -16.64 -28.24
CA SER A 271 -7.91 -17.12 -29.25
C SER A 271 -7.76 -16.04 -30.30
N SER A 272 -6.51 -15.66 -30.57
CA SER A 272 -6.24 -14.62 -31.55
C SER A 272 -5.39 -15.17 -32.67
N ASN A 273 -5.32 -14.41 -33.76
CA ASN A 273 -4.35 -14.70 -34.80
C ASN A 273 -3.21 -13.69 -34.76
N ILE A 274 -1.99 -14.18 -34.64
CA ILE A 274 -0.83 -13.34 -34.84
C ILE A 274 -0.73 -13.07 -36.35
N THR A 275 -0.78 -11.79 -36.72
CA THR A 275 -0.69 -11.40 -38.13
C THR A 275 0.54 -10.54 -38.37
N GLY A 276 1.18 -10.11 -37.29
CA GLY A 276 2.40 -9.31 -37.37
C GLY A 276 3.23 -9.33 -36.10
N LEU A 277 4.41 -8.72 -36.18
CA LEU A 277 5.31 -8.59 -35.03
C LEU A 277 5.85 -7.17 -34.94
N LEU A 278 6.24 -6.79 -33.74
CA LEU A 278 6.99 -5.57 -33.51
C LEU A 278 8.33 -5.98 -32.91
N LEU A 279 9.42 -5.57 -33.55
CA LEU A 279 10.77 -5.96 -33.13
C LEU A 279 11.72 -4.77 -33.10
N THR A 280 12.83 -4.92 -32.36
CA THR A 280 13.95 -3.99 -32.44
C THR A 280 15.24 -4.75 -32.68
N ARG A 281 16.13 -4.17 -33.47
CA ARG A 281 17.42 -4.78 -33.77
C ARG A 281 18.49 -4.23 -32.82
N ASP A 282 19.37 -5.09 -32.34
CA ASP A 282 20.43 -4.67 -31.39
C ASP A 282 21.36 -3.62 -32.00
N GLY A 283 21.98 -3.97 -33.12
CA GLY A 283 22.93 -3.07 -33.76
C GLY A 283 24.17 -2.87 -32.91
N GLY A 284 24.81 -1.73 -33.07
CA GLY A 284 26.03 -1.42 -32.33
C GLY A 284 27.27 -1.84 -33.12
N ASN A 285 28.30 -1.02 -33.07
CA ASN A 285 29.55 -1.31 -33.77
C ASN A 285 30.10 -2.69 -33.43
N SER A 286 30.00 -3.60 -34.40
CA SER A 286 30.42 -4.98 -34.20
C SER A 286 30.79 -5.61 -35.54
N ASN A 287 32.06 -5.99 -35.66
CA ASN A 287 32.55 -6.65 -36.88
C ASN A 287 31.96 -8.04 -37.06
N ASN A 288 31.09 -8.41 -36.13
CA ASN A 288 30.41 -9.70 -36.15
C ASN A 288 29.34 -9.75 -37.24
N GLU A 289 29.41 -10.76 -38.10
CA GLU A 289 28.45 -10.90 -39.19
C GLU A 289 27.17 -11.60 -38.73
N SER A 290 26.45 -10.96 -37.81
CA SER A 290 25.18 -11.49 -37.31
C SER A 290 24.35 -10.36 -36.69
N GLU A 291 23.03 -10.47 -36.80
CA GLU A 291 22.13 -9.46 -36.26
C GLU A 291 21.19 -10.04 -35.22
N ILE A 292 21.00 -9.32 -34.13
CA ILE A 292 20.11 -9.77 -33.06
C ILE A 292 18.79 -9.02 -33.12
N PHE A 293 17.69 -9.74 -33.00
CA PHE A 293 16.37 -9.12 -33.00
C PHE A 293 15.56 -9.56 -31.78
N ARG A 294 14.88 -8.60 -31.16
CA ARG A 294 14.12 -8.84 -29.95
C ARG A 294 12.72 -8.27 -30.10
N PRO A 295 11.73 -8.87 -29.41
CA PRO A 295 10.36 -8.38 -29.48
C PRO A 295 10.27 -7.00 -28.85
N GLY A 296 9.52 -6.10 -29.47
CA GLY A 296 9.37 -4.75 -28.95
C GLY A 296 7.94 -4.28 -28.92
N GLY A 297 7.74 -3.00 -29.25
CA GLY A 297 6.44 -2.38 -29.11
C GLY A 297 6.31 -1.55 -27.85
N GLY A 298 5.10 -1.06 -27.59
CA GLY A 298 4.82 -0.18 -26.47
C GLY A 298 4.10 1.06 -26.97
N ASP A 299 4.53 1.55 -28.13
CA ASP A 299 3.90 2.70 -28.76
C ASP A 299 2.84 2.18 -29.72
N MET A 300 1.56 2.38 -29.38
CA MET A 300 0.46 1.85 -30.17
C MET A 300 0.37 2.50 -31.55
N ARG A 301 1.12 3.57 -31.77
CA ARG A 301 1.13 4.22 -33.08
C ARG A 301 1.80 3.33 -34.09
N ASP A 302 2.76 2.53 -33.64
CA ASP A 302 3.35 1.51 -34.48
C ASP A 302 2.27 0.53 -34.90
N ASN A 303 1.41 0.14 -33.96
CA ASN A 303 0.28 -0.75 -34.23
C ASN A 303 -0.68 -0.17 -35.28
N TRP A 304 -0.99 1.12 -35.16
CA TRP A 304 -1.90 1.74 -36.11
C TRP A 304 -1.22 1.89 -37.48
N ARG A 305 0.07 2.22 -37.47
CA ARG A 305 0.86 2.31 -38.70
C ARG A 305 0.91 1.00 -39.47
N SER A 306 0.77 -0.12 -38.77
CA SER A 306 0.83 -1.43 -39.41
C SER A 306 -0.41 -1.68 -40.27
N GLU A 307 -1.42 -0.83 -40.08
CA GLU A 307 -2.67 -0.94 -40.81
C GLU A 307 -2.90 0.25 -41.73
N LEU A 308 -2.38 1.42 -41.34
CA LEU A 308 -2.64 2.67 -42.07
C LEU A 308 -1.52 3.09 -43.04
N TYR A 309 -0.48 2.27 -43.16
CA TYR A 309 0.66 2.57 -44.02
C TYR A 309 0.27 2.89 -45.47
N LYS A 310 -0.86 2.34 -45.93
CA LYS A 310 -1.24 2.50 -47.33
C LYS A 310 -2.26 3.61 -47.54
N TYR A 311 -2.55 4.38 -46.50
CA TYR A 311 -3.48 5.48 -46.61
C TYR A 311 -2.79 6.81 -46.37
N LYS A 312 -3.38 7.87 -46.90
CA LYS A 312 -2.85 9.22 -46.77
C LYS A 312 -4.01 10.20 -46.91
N VAL A 313 -4.02 11.22 -46.06
CA VAL A 313 -5.09 12.21 -46.09
C VAL A 313 -4.61 13.50 -46.79
N VAL A 314 -5.43 14.03 -47.69
CA VAL A 314 -5.01 15.17 -48.51
C VAL A 314 -6.05 16.29 -48.57
N LYS A 315 -5.58 17.53 -48.59
CA LYS A 315 -6.45 18.69 -48.76
C LYS A 315 -7.17 18.62 -50.10
N ILE A 316 -8.51 18.69 -50.07
CA ILE A 316 -9.28 18.81 -51.31
C ILE A 316 -9.67 20.27 -51.56
N LYS B 2 31.94 20.13 -25.54
CA LYS B 2 32.06 18.81 -24.87
C LYS B 2 31.60 18.87 -23.41
N LYS B 3 30.45 18.25 -23.14
CA LYS B 3 29.98 18.11 -21.77
C LYS B 3 30.70 16.97 -21.07
N VAL B 4 31.34 17.27 -19.95
CA VAL B 4 32.04 16.27 -19.17
C VAL B 4 31.41 16.16 -17.78
N VAL B 5 31.10 14.93 -17.38
CA VAL B 5 30.54 14.68 -16.06
C VAL B 5 31.41 13.67 -15.30
N LEU B 6 31.74 14.01 -14.06
CA LEU B 6 32.54 13.12 -13.21
C LEU B 6 31.68 12.34 -12.22
N GLY B 7 31.87 11.03 -12.18
CA GLY B 7 31.14 10.16 -11.26
C GLY B 7 32.03 9.51 -10.21
N LYS B 8 31.41 9.02 -9.14
CA LYS B 8 32.13 8.34 -8.07
C LYS B 8 31.72 6.88 -8.02
N LYS B 9 32.70 5.99 -8.03
CA LYS B 9 32.43 4.55 -8.04
C LYS B 9 31.47 4.15 -6.91
N GLY B 10 30.37 3.49 -7.28
CA GLY B 10 29.39 3.02 -6.31
C GLY B 10 28.26 4.01 -6.04
N ASP B 11 28.44 5.24 -6.50
CA ASP B 11 27.46 6.30 -6.29
C ASP B 11 26.47 6.29 -7.46
N THR B 12 25.57 7.27 -7.47
CA THR B 12 24.61 7.43 -8.56
C THR B 12 24.90 8.73 -9.30
N VAL B 13 24.61 8.75 -10.59
CA VAL B 13 24.80 9.94 -11.42
C VAL B 13 23.56 10.20 -12.28
N GLU B 14 23.33 11.45 -12.64
CA GLU B 14 22.21 11.81 -13.50
C GLU B 14 22.68 12.59 -14.72
N LEU B 15 22.45 12.03 -15.89
CA LEU B 15 22.79 12.69 -17.15
C LEU B 15 21.54 13.30 -17.75
N THR B 16 21.60 14.58 -18.11
CA THR B 16 20.41 15.30 -18.53
C THR B 16 20.18 15.30 -20.04
N CYS B 17 18.91 15.35 -20.44
CA CYS B 17 18.53 15.47 -21.84
C CYS B 17 17.24 16.26 -21.92
N THR B 18 17.26 17.38 -22.64
CA THR B 18 16.11 18.28 -22.70
C THR B 18 15.61 18.48 -24.13
N ALA B 19 14.31 18.27 -24.33
CA ALA B 19 13.67 18.57 -25.61
C ALA B 19 13.35 20.05 -25.67
N SER B 20 13.12 20.56 -26.88
CA SER B 20 12.87 21.99 -27.07
C SER B 20 11.41 22.37 -26.83
N GLN B 21 10.60 21.39 -26.48
CA GLN B 21 9.19 21.61 -26.21
C GLN B 21 8.78 20.90 -24.92
N LYS B 22 7.85 21.48 -24.18
CA LYS B 22 7.36 20.85 -22.96
C LYS B 22 6.32 19.77 -23.28
N LYS B 23 6.77 18.72 -23.95
CA LYS B 23 5.93 17.60 -24.31
C LYS B 23 6.73 16.30 -24.27
N SER B 24 6.06 15.17 -24.07
CA SER B 24 6.74 13.89 -24.04
C SER B 24 6.87 13.28 -25.44
N ILE B 25 8.09 13.27 -25.97
CA ILE B 25 8.34 12.64 -27.26
C ILE B 25 9.40 11.54 -27.17
N GLN B 26 9.78 10.98 -28.31
CA GLN B 26 10.68 9.82 -28.34
C GLN B 26 12.14 10.21 -28.12
N PHE B 27 12.79 9.49 -27.21
CA PHE B 27 14.22 9.67 -26.95
C PHE B 27 14.88 8.31 -26.77
N HIS B 28 16.21 8.30 -26.84
CA HIS B 28 16.97 7.09 -26.58
C HIS B 28 18.42 7.45 -26.25
N TRP B 29 18.96 6.81 -25.21
CA TRP B 29 20.37 6.97 -24.87
C TRP B 29 21.19 5.82 -25.46
N LYS B 30 22.29 6.15 -26.12
CA LYS B 30 23.23 5.15 -26.61
C LYS B 30 24.63 5.48 -26.10
N ASN B 31 25.58 4.58 -26.28
CA ASN B 31 26.97 4.87 -25.94
C ASN B 31 27.82 5.13 -27.19
N SER B 32 29.14 5.23 -27.01
CA SER B 32 30.03 5.51 -28.13
C SER B 32 29.99 4.41 -29.18
N ASN B 33 29.73 3.19 -28.75
CA ASN B 33 29.67 2.04 -29.66
C ASN B 33 28.28 1.80 -30.23
N GLN B 34 27.40 2.78 -30.07
CA GLN B 34 26.04 2.72 -30.61
C GLN B 34 25.21 1.63 -29.96
N ILE B 35 25.63 1.17 -28.79
CA ILE B 35 24.88 0.20 -28.03
C ILE B 35 23.75 0.91 -27.31
N LYS B 36 22.55 0.34 -27.39
CA LYS B 36 21.39 0.94 -26.75
C LYS B 36 21.44 0.77 -25.23
N ILE B 37 21.30 1.88 -24.51
CA ILE B 37 21.27 1.84 -23.06
C ILE B 37 19.82 1.79 -22.58
N LEU B 38 19.03 2.74 -23.03
CA LEU B 38 17.71 2.97 -22.45
C LEU B 38 16.99 4.07 -23.23
N GLY B 39 15.69 3.90 -23.46
CA GLY B 39 14.87 4.90 -24.12
C GLY B 39 13.40 4.71 -23.81
N ASN B 40 12.52 5.31 -24.59
CA ASN B 40 11.09 5.07 -24.40
C ASN B 40 10.38 4.59 -25.65
N GLN B 41 9.29 3.87 -25.46
CA GLN B 41 8.37 3.55 -26.54
C GLN B 41 7.00 4.00 -26.08
N GLY B 42 6.53 5.10 -26.64
CA GLY B 42 5.32 5.73 -26.15
C GLY B 42 5.54 6.18 -24.73
N SER B 43 4.75 5.64 -23.81
CA SER B 43 4.83 6.02 -22.41
C SER B 43 5.52 4.94 -21.56
N PHE B 44 6.18 4.00 -22.24
CA PHE B 44 6.90 2.91 -21.56
C PHE B 44 8.42 3.04 -21.69
N LEU B 45 9.11 2.61 -20.63
CA LEU B 45 10.57 2.52 -20.64
C LEU B 45 11.08 1.23 -21.28
N THR B 46 12.08 1.36 -22.15
CA THR B 46 12.81 0.19 -22.65
C THR B 46 14.26 0.24 -22.14
N LYS B 47 14.92 -0.92 -22.13
CA LYS B 47 16.33 -1.00 -21.75
C LYS B 47 17.08 -1.90 -22.73
N GLY B 48 18.21 -1.40 -23.24
CA GLY B 48 18.99 -2.12 -24.23
C GLY B 48 19.88 -3.20 -23.63
N PRO B 49 20.62 -3.91 -24.48
CA PRO B 49 21.50 -5.00 -24.05
C PRO B 49 22.89 -4.53 -23.64
N SER B 50 22.96 -3.42 -22.89
CA SER B 50 24.23 -2.89 -22.40
C SER B 50 24.57 -3.41 -21.00
N LYS B 51 25.81 -3.19 -20.57
CA LYS B 51 26.28 -3.59 -19.25
C LYS B 51 25.66 -2.75 -18.13
N LEU B 52 24.99 -1.67 -18.54
CA LEU B 52 24.36 -0.76 -17.59
C LEU B 52 22.93 -1.16 -17.27
N ASN B 53 22.44 -2.18 -17.97
CA ASN B 53 21.03 -2.58 -17.95
C ASN B 53 20.35 -2.53 -16.57
N ASP B 54 20.81 -3.34 -15.64
CA ASP B 54 20.19 -3.42 -14.32
C ASP B 54 20.35 -2.16 -13.48
N ARG B 55 21.36 -1.35 -13.78
CA ARG B 55 21.68 -0.18 -12.97
C ARG B 55 21.22 1.15 -13.57
N ALA B 56 20.55 1.08 -14.73
CA ALA B 56 20.13 2.28 -15.46
C ALA B 56 18.63 2.53 -15.34
N ASP B 57 18.25 3.80 -15.28
CA ASP B 57 16.84 4.19 -15.20
C ASP B 57 16.69 5.63 -15.68
N SER B 58 15.45 6.07 -15.83
CA SER B 58 15.15 7.45 -16.16
C SER B 58 14.24 8.02 -15.07
N ARG B 59 13.58 9.11 -15.36
CA ARG B 59 12.57 9.65 -14.45
C ARG B 59 11.33 10.05 -15.24
N ARG B 60 10.42 9.10 -15.41
CA ARG B 60 9.27 9.28 -16.30
C ARG B 60 8.33 10.43 -15.93
N SER B 61 8.37 10.86 -14.68
CA SER B 61 7.51 11.97 -14.27
C SER B 61 7.97 13.31 -14.85
N LEU B 62 9.10 13.29 -15.56
CA LEU B 62 9.66 14.49 -16.15
C LEU B 62 9.56 14.49 -17.66
N TRP B 63 9.11 13.37 -18.23
CA TRP B 63 9.03 13.21 -19.66
C TRP B 63 8.07 14.20 -20.31
N ASP B 64 6.95 14.47 -19.63
CA ASP B 64 5.93 15.39 -20.13
C ASP B 64 6.40 16.84 -20.07
N GLN B 65 7.61 17.02 -19.53
CA GLN B 65 8.17 18.34 -19.34
C GLN B 65 9.35 18.52 -20.28
N GLY B 66 9.58 17.52 -21.12
CA GLY B 66 10.68 17.56 -22.09
C GLY B 66 12.03 17.19 -21.52
N ASN B 67 12.03 16.47 -20.40
CA ASN B 67 13.27 16.03 -19.76
C ASN B 67 13.37 14.51 -19.75
N PHE B 68 14.51 13.99 -20.23
CA PHE B 68 14.68 12.55 -20.37
C PHE B 68 16.03 12.10 -19.82
N PRO B 69 16.18 12.12 -18.49
CA PRO B 69 17.48 11.84 -17.88
C PRO B 69 17.90 10.38 -17.93
N LEU B 70 19.22 10.16 -17.97
CA LEU B 70 19.81 8.84 -17.78
C LEU B 70 20.40 8.77 -16.37
N ILE B 71 19.70 8.07 -15.47
CA ILE B 71 20.19 7.87 -14.11
C ILE B 71 20.91 6.53 -14.01
N ILE B 72 22.14 6.53 -13.51
CA ILE B 72 22.91 5.30 -13.38
C ILE B 72 23.36 5.11 -11.93
N LYS B 73 22.85 4.06 -11.29
CA LYS B 73 23.19 3.77 -9.90
C LYS B 73 24.39 2.83 -9.80
N ASN B 74 24.95 2.72 -8.60
CA ASN B 74 26.10 1.87 -8.33
C ASN B 74 27.19 1.95 -9.43
N LEU B 75 27.68 3.15 -9.70
CA LEU B 75 28.68 3.38 -10.75
C LEU B 75 29.88 2.42 -10.66
N LYS B 76 30.31 1.94 -11.83
CA LYS B 76 31.55 1.18 -11.93
C LYS B 76 32.52 1.96 -12.82
N ILE B 77 33.82 1.72 -12.66
CA ILE B 77 34.82 2.42 -13.47
C ILE B 77 34.61 2.15 -14.96
N GLU B 78 34.22 0.93 -15.29
CA GLU B 78 34.00 0.54 -16.69
C GLU B 78 32.78 1.23 -17.30
N ASP B 79 31.96 1.88 -16.47
CA ASP B 79 30.83 2.65 -16.98
C ASP B 79 31.33 3.90 -17.71
N SER B 80 32.57 4.29 -17.42
CA SER B 80 33.18 5.46 -18.04
C SER B 80 33.09 5.38 -19.56
N ASP B 81 32.42 6.36 -20.16
CA ASP B 81 32.18 6.35 -21.60
C ASP B 81 31.53 7.65 -22.04
N THR B 82 31.41 7.83 -23.36
CA THR B 82 30.65 8.95 -23.91
C THR B 82 29.23 8.49 -24.21
N TYR B 83 28.25 9.24 -23.73
CA TYR B 83 26.85 8.85 -23.90
C TYR B 83 26.10 9.89 -24.73
N ILE B 84 25.24 9.39 -25.61
CA ILE B 84 24.55 10.24 -26.58
C ILE B 84 23.04 10.17 -26.38
N CYS B 85 22.40 11.33 -26.24
CA CYS B 85 20.95 11.35 -26.16
C CYS B 85 20.33 11.84 -27.46
N GLU B 86 19.74 10.91 -28.20
CA GLU B 86 19.05 11.25 -29.44
C GLU B 86 17.61 11.61 -29.13
N VAL B 87 17.22 12.84 -29.47
CA VAL B 87 15.87 13.32 -29.22
C VAL B 87 15.50 14.36 -30.27
N GLU B 88 14.28 14.28 -30.79
CA GLU B 88 13.80 15.17 -31.85
C GLU B 88 14.86 15.59 -32.89
N ASP B 89 15.57 14.59 -33.43
CA ASP B 89 16.55 14.83 -34.51
C ASP B 89 17.79 15.57 -34.03
N GLN B 90 17.99 15.61 -32.72
CA GLN B 90 19.17 16.23 -32.13
C GLN B 90 19.98 15.21 -31.36
N LYS B 91 21.21 15.57 -31.02
CA LYS B 91 22.09 14.67 -30.27
C LYS B 91 22.83 15.39 -29.16
N GLU B 92 22.43 15.15 -27.92
CA GLU B 92 23.14 15.68 -26.77
C GLU B 92 24.21 14.71 -26.32
N GLU B 93 25.46 15.14 -26.38
CA GLU B 93 26.59 14.28 -26.07
C GLU B 93 27.20 14.62 -24.70
N VAL B 94 27.55 13.59 -23.93
CA VAL B 94 28.14 13.79 -22.61
C VAL B 94 29.18 12.71 -22.27
N GLN B 95 30.39 13.14 -22.01
CA GLN B 95 31.47 12.24 -21.60
C GLN B 95 31.43 12.00 -20.10
N LEU B 96 31.40 10.74 -19.68
CA LEU B 96 31.35 10.40 -18.25
C LEU B 96 32.62 9.71 -17.80
N LEU B 97 33.21 10.21 -16.71
CA LEU B 97 34.37 9.56 -16.09
C LEU B 97 34.05 9.17 -14.65
N VAL B 98 34.20 7.89 -14.33
CA VAL B 98 33.97 7.39 -12.98
C VAL B 98 35.31 7.09 -12.29
N PHE B 99 35.46 7.60 -11.07
CA PHE B 99 36.69 7.40 -10.29
C PHE B 99 36.42 6.70 -8.96
N GLY B 100 37.40 5.93 -8.52
CA GLY B 100 37.36 5.32 -7.19
C GLY B 100 38.55 5.76 -6.36
N LEU B 101 38.36 5.86 -5.06
CA LEU B 101 39.45 6.26 -4.17
C LEU B 101 39.34 5.54 -2.84
N THR B 102 40.29 4.64 -2.57
CA THR B 102 40.26 3.82 -1.36
C THR B 102 41.55 3.93 -0.55
N ALA B 103 41.42 3.82 0.77
CA ALA B 103 42.56 3.70 1.67
C ALA B 103 43.07 2.29 1.58
N ASN B 104 44.37 2.07 1.80
CA ASN B 104 44.93 0.74 1.60
C ASN B 104 44.59 -0.27 2.70
N SER B 105 44.08 0.24 3.83
CA SER B 105 43.55 -0.64 4.87
C SER B 105 42.32 -0.07 5.58
N ASP B 106 41.40 -0.97 5.95
CA ASP B 106 40.24 -0.63 6.77
C ASP B 106 40.53 -0.86 8.25
N THR B 107 41.78 -1.19 8.56
CA THR B 107 42.22 -1.39 9.93
C THR B 107 42.54 -0.04 10.55
N HIS B 108 42.25 0.10 11.85
CA HIS B 108 42.64 1.28 12.58
C HIS B 108 44.17 1.38 12.58
N LEU B 109 44.67 2.56 12.19
CA LEU B 109 46.10 2.76 12.07
C LEU B 109 46.71 3.31 13.36
N LEU B 110 48.02 3.17 13.50
CA LEU B 110 48.74 3.67 14.67
C LEU B 110 49.53 4.93 14.30
N GLN B 111 49.69 5.84 15.25
CA GLN B 111 50.53 7.02 15.04
C GLN B 111 51.89 6.58 14.52
N GLY B 112 52.39 7.29 13.51
CA GLY B 112 53.67 6.96 12.91
C GLY B 112 53.61 5.93 11.79
N GLN B 113 52.42 5.38 11.53
CA GLN B 113 52.22 4.45 10.40
C GLN B 113 51.78 5.18 9.14
N SER B 114 51.89 4.49 8.00
CA SER B 114 51.67 5.10 6.69
C SER B 114 50.23 5.00 6.25
N LEU B 115 49.82 5.93 5.39
CA LEU B 115 48.53 5.86 4.74
C LEU B 115 48.75 5.98 3.24
N THR B 116 48.18 5.05 2.48
CA THR B 116 48.29 5.07 1.03
C THR B 116 46.90 5.06 0.41
N LEU B 117 46.58 6.12 -0.32
CA LEU B 117 45.31 6.19 -1.04
C LEU B 117 45.59 5.91 -2.50
N THR B 118 44.79 5.04 -3.10
CA THR B 118 44.93 4.70 -4.52
C THR B 118 43.69 5.15 -5.28
N LEU B 119 43.89 5.76 -6.44
CA LEU B 119 42.78 6.21 -7.27
C LEU B 119 42.51 5.25 -8.42
N GLU B 120 41.29 4.71 -8.46
CA GLU B 120 40.84 3.94 -9.61
C GLU B 120 40.38 4.89 -10.70
N SER B 121 40.93 4.73 -11.90
CA SER B 121 40.58 5.62 -13.01
C SER B 121 40.39 4.86 -14.32
N PRO B 122 39.50 5.38 -15.19
CA PRO B 122 39.23 4.76 -16.48
C PRO B 122 40.39 4.92 -17.45
N PRO B 123 40.46 4.05 -18.47
CA PRO B 123 41.52 4.17 -19.48
C PRO B 123 41.50 5.54 -20.15
N GLY B 124 42.68 6.15 -20.29
CA GLY B 124 42.80 7.41 -21.01
C GLY B 124 42.86 8.64 -20.12
N SER B 125 42.16 8.59 -18.99
CA SER B 125 42.11 9.72 -18.07
C SER B 125 43.45 9.88 -17.35
N SER B 126 43.86 11.14 -17.16
CA SER B 126 45.07 11.46 -16.40
C SER B 126 44.77 12.52 -15.36
N PRO B 127 44.15 12.12 -14.24
CA PRO B 127 43.67 13.05 -13.23
C PRO B 127 44.74 13.48 -12.24
N SER B 128 44.51 14.63 -11.59
CA SER B 128 45.33 15.09 -10.48
C SER B 128 44.52 14.94 -9.20
N VAL B 129 45.18 14.49 -8.14
CA VAL B 129 44.50 14.30 -6.87
C VAL B 129 45.15 15.12 -5.76
N GLN B 130 44.30 15.76 -4.95
CA GLN B 130 44.76 16.50 -3.80
C GLN B 130 43.94 16.05 -2.60
N CYS B 131 44.60 15.68 -1.51
CA CYS B 131 43.86 15.35 -0.31
C CYS B 131 44.30 16.13 0.92
N ARG B 132 43.39 16.24 1.88
CA ARG B 132 43.62 17.02 3.09
C ARG B 132 43.07 16.31 4.33
N SER B 133 43.92 16.12 5.34
CA SER B 133 43.49 15.49 6.58
C SER B 133 42.83 16.51 7.50
N PRO B 134 42.21 16.04 8.59
CA PRO B 134 41.55 16.96 9.53
C PRO B 134 42.50 17.99 10.14
N ARG B 135 43.80 17.71 10.14
CA ARG B 135 44.79 18.64 10.71
C ARG B 135 45.35 19.61 9.68
N GLY B 136 45.01 19.42 8.41
CA GLY B 136 45.48 20.29 7.33
C GLY B 136 46.59 19.67 6.49
N LYS B 137 47.01 18.47 6.86
CA LYS B 137 48.03 17.74 6.10
C LYS B 137 47.60 17.57 4.64
N ASN B 138 48.43 18.04 3.72
CA ASN B 138 48.14 17.99 2.30
C ASN B 138 49.09 17.08 1.55
N ILE B 139 48.52 16.21 0.71
CA ILE B 139 49.28 15.37 -0.22
C ILE B 139 48.66 15.44 -1.61
N GLN B 140 49.51 15.42 -2.63
CA GLN B 140 49.05 15.42 -4.01
C GLN B 140 49.77 14.34 -4.80
N GLY B 141 49.20 13.97 -5.95
CA GLY B 141 49.81 12.97 -6.81
C GLY B 141 48.89 12.55 -7.94
N GLY B 142 49.23 11.44 -8.57
CA GLY B 142 48.41 10.90 -9.65
C GLY B 142 47.61 9.71 -9.18
N LYS B 143 48.07 8.51 -9.54
CA LYS B 143 47.38 7.28 -9.19
C LYS B 143 47.39 7.04 -7.67
N THR B 144 48.53 7.26 -7.03
CA THR B 144 48.71 6.90 -5.63
C THR B 144 49.22 8.04 -4.75
N LEU B 145 48.55 8.27 -3.63
CA LEU B 145 48.96 9.30 -2.67
C LEU B 145 49.39 8.64 -1.36
N SER B 146 50.59 8.94 -0.90
CA SER B 146 51.14 8.26 0.26
C SER B 146 51.64 9.23 1.33
N VAL B 147 51.15 9.05 2.56
CA VAL B 147 51.65 9.77 3.73
C VAL B 147 52.57 8.84 4.51
N SER B 148 53.77 9.31 4.80
CA SER B 148 54.79 8.47 5.42
C SER B 148 54.44 8.11 6.86
N GLN B 149 54.05 9.10 7.65
CA GLN B 149 53.76 8.89 9.07
C GLN B 149 52.51 9.64 9.49
N LEU B 150 51.51 8.90 9.95
CA LEU B 150 50.28 9.48 10.48
C LEU B 150 50.53 10.17 11.82
N GLU B 151 49.82 11.27 12.05
CA GLU B 151 49.77 11.90 13.36
C GLU B 151 48.41 11.56 13.98
N LEU B 152 48.32 11.56 15.31
CA LEU B 152 47.04 11.36 15.98
C LEU B 152 45.98 12.29 15.38
N GLN B 153 46.38 13.54 15.16
CA GLN B 153 45.51 14.60 14.65
C GLN B 153 44.95 14.31 13.24
N ASP B 154 45.51 13.32 12.56
CA ASP B 154 45.02 12.91 11.23
C ASP B 154 43.75 12.06 11.32
N SER B 155 43.32 11.75 12.54
CA SER B 155 42.15 10.89 12.74
C SER B 155 40.86 11.63 12.39
N GLY B 156 40.01 10.98 11.61
CA GLY B 156 38.74 11.55 11.21
C GLY B 156 38.59 11.58 9.70
N THR B 157 37.76 12.50 9.22
CA THR B 157 37.42 12.56 7.81
C THR B 157 38.45 13.32 6.99
N TRP B 158 39.05 12.61 6.04
CA TRP B 158 39.90 13.22 5.03
C TRP B 158 39.05 13.61 3.83
N THR B 159 39.41 14.72 3.17
CA THR B 159 38.69 15.16 1.98
C THR B 159 39.61 15.20 0.77
N CYS B 160 39.34 14.36 -0.22
CA CYS B 160 40.18 14.29 -1.42
C CYS B 160 39.45 14.82 -2.64
N THR B 161 40.16 15.62 -3.43
CA THR B 161 39.59 16.21 -4.65
C THR B 161 40.32 15.68 -5.88
N VAL B 162 39.54 15.30 -6.90
CA VAL B 162 40.08 14.82 -8.17
C VAL B 162 39.85 15.84 -9.30
N LEU B 163 40.92 16.19 -10.00
CA LEU B 163 40.86 17.16 -11.09
C LEU B 163 40.96 16.44 -12.44
N GLN B 164 39.95 16.63 -13.29
CA GLN B 164 39.98 16.04 -14.63
C GLN B 164 39.12 16.86 -15.59
N ASN B 165 39.74 17.34 -16.67
CA ASN B 165 39.04 18.17 -17.66
C ASN B 165 38.39 19.39 -17.04
N GLN B 166 39.12 20.06 -16.14
CA GLN B 166 38.61 21.25 -15.44
C GLN B 166 37.70 20.87 -14.27
N LYS B 167 36.86 19.85 -14.48
CA LYS B 167 35.90 19.42 -13.46
C LYS B 167 36.59 18.73 -12.29
N LYS B 168 35.97 18.83 -11.12
CA LYS B 168 36.45 18.13 -9.94
C LYS B 168 35.32 17.36 -9.28
N VAL B 169 35.70 16.32 -8.55
CA VAL B 169 34.77 15.53 -7.77
C VAL B 169 35.40 15.31 -6.39
N GLU B 170 34.58 15.19 -5.36
CA GLU B 170 35.08 15.11 -4.00
C GLU B 170 34.84 13.76 -3.34
N PHE B 171 35.87 13.22 -2.71
CA PHE B 171 35.77 12.00 -1.92
C PHE B 171 36.03 12.31 -0.45
N LYS B 172 35.21 11.73 0.44
CA LYS B 172 35.45 11.82 1.88
C LYS B 172 35.77 10.44 2.42
N ILE B 173 36.92 10.31 3.08
CA ILE B 173 37.36 9.00 3.59
C ILE B 173 37.71 9.05 5.07
N ASP B 174 37.05 8.22 5.86
CA ASP B 174 37.28 8.18 7.30
C ASP B 174 38.45 7.28 7.68
N ILE B 175 39.43 7.89 8.36
CA ILE B 175 40.62 7.20 8.82
C ILE B 175 40.66 7.25 10.34
N VAL B 176 40.98 6.13 10.98
CA VAL B 176 41.15 6.12 12.43
C VAL B 176 42.62 5.97 12.79
N VAL B 177 43.13 6.89 13.61
CA VAL B 177 44.47 6.77 14.17
C VAL B 177 44.34 6.69 15.68
N LEU B 178 44.81 5.58 16.27
CA LEU B 178 44.61 5.32 17.70
C LEU B 178 45.53 6.12 18.62
N ALA B 179 44.97 6.55 19.75
CA ALA B 179 45.76 7.17 20.80
C ALA B 179 46.29 6.09 21.73
N PHE B 180 47.22 6.45 22.61
CA PHE B 180 47.73 5.53 23.62
C PHE B 180 48.23 6.29 24.83
N GLN B 181 48.43 5.58 25.93
CA GLN B 181 48.97 6.18 27.14
C GLN B 181 50.49 6.10 27.18
N LYS B 182 51.14 7.24 27.40
CA LYS B 182 52.59 7.28 27.57
C LYS B 182 53.00 6.76 28.94
N ASP C 1 -24.65 5.29 1.51
CA ASP C 1 -24.09 4.75 2.77
C ASP C 1 -24.73 3.41 3.15
N ILE C 2 -23.90 2.41 3.42
CA ILE C 2 -24.40 1.08 3.75
C ILE C 2 -24.39 0.85 5.26
N VAL C 3 -25.59 0.80 5.83
CA VAL C 3 -25.76 0.58 7.26
C VAL C 3 -25.83 -0.90 7.58
N MET C 4 -24.93 -1.36 8.46
CA MET C 4 -24.91 -2.74 8.93
C MET C 4 -25.63 -2.86 10.28
N THR C 5 -26.50 -3.86 10.41
CA THR C 5 -27.29 -4.03 11.61
C THR C 5 -27.19 -5.47 12.12
N GLN C 6 -26.74 -5.63 13.36
CA GLN C 6 -26.61 -6.97 13.96
C GLN C 6 -27.70 -7.24 14.98
N SER C 7 -28.15 -8.49 15.06
CA SER C 7 -29.12 -8.89 16.07
C SER C 7 -28.86 -10.30 16.61
N PRO C 8 -29.13 -10.50 17.91
CA PRO C 8 -29.58 -9.46 18.83
C PRO C 8 -28.41 -8.65 19.36
N ALA C 9 -28.70 -7.62 20.13
CA ALA C 9 -27.64 -6.83 20.77
C ALA C 9 -26.87 -7.68 21.77
N THR C 10 -27.61 -8.50 22.52
CA THR C 10 -27.01 -9.42 23.48
C THR C 10 -27.55 -10.85 23.30
N LEU C 11 -26.65 -11.81 23.17
CA LEU C 11 -27.04 -13.21 23.07
C LEU C 11 -26.54 -14.01 24.29
N SER C 12 -27.47 -14.63 25.00
CA SER C 12 -27.14 -15.38 26.21
C SER C 12 -27.21 -16.87 25.94
N VAL C 13 -26.07 -17.55 26.01
CA VAL C 13 -26.03 -18.97 25.68
C VAL C 13 -25.39 -19.82 26.76
N SER C 14 -26.02 -20.93 27.09
CA SER C 14 -25.48 -21.90 28.04
C SER C 14 -24.26 -22.55 27.39
N PRO C 15 -23.19 -22.75 28.16
CA PRO C 15 -21.93 -23.31 27.67
C PRO C 15 -22.10 -24.63 26.92
N GLY C 16 -21.38 -24.78 25.81
CA GLY C 16 -21.39 -26.02 25.05
C GLY C 16 -22.52 -26.09 24.03
N GLU C 17 -23.38 -25.09 24.05
CA GLU C 17 -24.50 -25.04 23.10
C GLU C 17 -24.17 -24.17 21.89
N ARG C 18 -25.04 -24.20 20.90
CA ARG C 18 -24.83 -23.46 19.65
C ARG C 18 -25.36 -22.03 19.76
N ALA C 19 -24.60 -21.10 19.19
CA ALA C 19 -25.02 -19.70 19.07
C ALA C 19 -25.15 -19.33 17.59
N THR C 20 -26.14 -18.50 17.28
CA THR C 20 -26.32 -18.00 15.93
C THR C 20 -26.42 -16.48 15.94
N LEU C 21 -25.51 -15.82 15.23
CA LEU C 21 -25.46 -14.35 15.20
C LEU C 21 -25.86 -13.81 13.82
N SER C 22 -26.71 -12.79 13.82
CA SER C 22 -27.26 -12.23 12.59
C SER C 22 -26.63 -10.88 12.23
N CYS C 23 -26.48 -10.62 10.93
CA CYS C 23 -25.94 -9.36 10.41
C CYS C 23 -26.66 -9.04 9.11
N ARG C 24 -27.20 -7.83 9.03
CA ARG C 24 -27.92 -7.40 7.84
C ARG C 24 -27.31 -6.12 7.25
N ALA C 25 -27.47 -5.95 5.94
CA ALA C 25 -26.99 -4.77 5.25
C ALA C 25 -28.17 -4.02 4.65
N SER C 26 -28.03 -2.70 4.50
CA SER C 26 -29.12 -1.86 4.00
C SER C 26 -29.26 -2.00 2.48
N GLU C 27 -28.25 -2.59 1.86
CA GLU C 27 -28.24 -2.92 0.45
C GLU C 27 -27.25 -4.05 0.22
N SER C 28 -27.32 -4.72 -0.93
CA SER C 28 -26.48 -5.89 -1.16
C SER C 28 -25.00 -5.55 -1.05
N VAL C 29 -24.26 -6.42 -0.37
CA VAL C 29 -22.81 -6.28 -0.29
C VAL C 29 -22.14 -7.52 -0.87
N SER C 30 -22.90 -8.25 -1.67
CA SER C 30 -22.45 -9.52 -2.27
C SER C 30 -21.90 -10.47 -1.22
N SER C 31 -20.61 -10.75 -1.31
CA SER C 31 -19.97 -11.61 -0.31
C SER C 31 -18.79 -10.93 0.37
N ASP C 32 -18.71 -9.60 0.27
CA ASP C 32 -17.63 -8.86 0.88
C ASP C 32 -17.98 -8.53 2.33
N LEU C 33 -18.01 -9.57 3.15
CA LEU C 33 -18.48 -9.51 4.51
C LEU C 33 -17.53 -10.28 5.43
N ALA C 34 -17.11 -9.63 6.52
CA ALA C 34 -16.20 -10.24 7.49
C ALA C 34 -16.74 -10.19 8.91
N TRP C 35 -16.33 -11.15 9.73
CA TRP C 35 -16.72 -11.20 11.14
C TRP C 35 -15.49 -11.10 12.00
N TYR C 36 -15.59 -10.33 13.09
CA TYR C 36 -14.50 -10.15 14.03
C TYR C 36 -14.94 -10.53 15.45
N GLN C 37 -13.99 -10.98 16.25
CA GLN C 37 -14.24 -11.24 17.66
C GLN C 37 -13.42 -10.26 18.48
N GLN C 38 -14.00 -9.70 19.53
CA GLN C 38 -13.25 -8.79 20.39
C GLN C 38 -13.50 -9.05 21.87
N LYS C 39 -12.42 -9.20 22.62
CA LYS C 39 -12.52 -9.35 24.06
C LYS C 39 -12.10 -8.06 24.73
N PRO C 40 -12.67 -7.78 25.92
CA PRO C 40 -12.42 -6.53 26.63
C PRO C 40 -10.93 -6.26 26.74
N GLY C 41 -10.50 -5.07 26.30
CA GLY C 41 -9.11 -4.67 26.47
C GLY C 41 -8.20 -5.07 25.32
N GLN C 42 -8.71 -5.86 24.39
CA GLN C 42 -7.89 -6.37 23.29
C GLN C 42 -8.35 -5.85 21.92
N ALA C 43 -7.44 -5.91 20.95
CA ALA C 43 -7.80 -5.64 19.56
C ALA C 43 -8.77 -6.71 19.05
N PRO C 44 -9.59 -6.35 18.05
CA PRO C 44 -10.45 -7.31 17.36
C PRO C 44 -9.65 -8.40 16.66
N ARG C 45 -10.28 -9.54 16.43
CA ARG C 45 -9.65 -10.68 15.79
C ARG C 45 -10.49 -11.11 14.59
N LEU C 46 -9.86 -11.26 13.43
CA LEU C 46 -10.57 -11.74 12.23
C LEU C 46 -10.93 -13.22 12.34
N LEU C 47 -12.21 -13.54 12.16
CA LEU C 47 -12.70 -14.92 12.16
C LEU C 47 -13.02 -15.40 10.75
N ILE C 48 -13.86 -14.62 10.07
CA ILE C 48 -14.41 -15.00 8.78
C ILE C 48 -14.26 -13.84 7.80
N TYR C 49 -14.02 -14.18 6.53
CA TYR C 49 -14.02 -13.18 5.45
C TYR C 49 -14.57 -13.82 4.19
N GLY C 50 -15.03 -12.99 3.26
CA GLY C 50 -15.65 -13.52 2.05
C GLY C 50 -16.96 -14.23 2.39
N ALA C 51 -17.58 -13.76 3.48
CA ALA C 51 -18.85 -14.29 3.99
C ALA C 51 -18.73 -15.63 4.70
N SER C 52 -17.81 -16.48 4.26
CA SER C 52 -17.78 -17.86 4.74
C SER C 52 -16.40 -18.52 4.79
N THR C 53 -15.34 -17.75 4.57
CA THR C 53 -13.99 -18.32 4.64
C THR C 53 -13.34 -18.06 6.00
N ARG C 54 -12.96 -19.14 6.70
CA ARG C 54 -12.29 -19.01 7.99
C ARG C 54 -10.86 -18.46 7.85
N ALA C 55 -10.51 -17.54 8.74
CA ALA C 55 -9.15 -17.01 8.81
C ALA C 55 -8.22 -18.05 9.43
N THR C 56 -6.92 -17.93 9.18
CA THR C 56 -5.97 -18.88 9.73
C THR C 56 -6.03 -18.88 11.25
N GLY C 57 -6.01 -20.07 11.84
CA GLY C 57 -6.05 -20.20 13.29
C GLY C 57 -7.46 -20.21 13.87
N VAL C 58 -8.46 -20.03 13.02
CA VAL C 58 -9.85 -20.04 13.48
C VAL C 58 -10.37 -21.47 13.50
N PRO C 59 -10.83 -21.94 14.67
CA PRO C 59 -11.27 -23.33 14.81
C PRO C 59 -12.53 -23.61 14.00
N ALA C 60 -12.76 -24.89 13.70
CA ALA C 60 -13.84 -25.33 12.81
C ALA C 60 -15.26 -25.07 13.30
N ARG C 61 -15.45 -24.92 14.60
CA ARG C 61 -16.78 -24.66 15.15
C ARG C 61 -17.33 -23.28 14.75
N PHE C 62 -16.48 -22.40 14.22
CA PHE C 62 -16.92 -21.12 13.64
C PHE C 62 -17.23 -21.29 12.15
N SER C 63 -18.43 -20.91 11.73
CA SER C 63 -18.76 -20.88 10.30
C SER C 63 -19.66 -19.69 9.95
N GLY C 64 -19.38 -19.06 8.83
CA GLY C 64 -20.18 -17.95 8.34
C GLY C 64 -20.93 -18.37 7.08
N SER C 65 -22.12 -17.81 6.88
CA SER C 65 -22.87 -18.08 5.67
C SER C 65 -23.66 -16.85 5.24
N GLY C 66 -24.23 -16.91 4.04
CA GLY C 66 -25.09 -15.86 3.52
C GLY C 66 -24.44 -15.06 2.40
N SER C 67 -25.23 -14.19 1.81
CA SER C 67 -24.75 -13.28 0.76
C SER C 67 -25.82 -12.23 0.50
N GLY C 68 -25.47 -11.19 -0.24
CA GLY C 68 -26.40 -10.11 -0.49
C GLY C 68 -26.55 -9.21 0.72
N ALA C 69 -27.70 -9.28 1.37
CA ALA C 69 -28.02 -8.39 2.47
C ALA C 69 -28.29 -9.10 3.81
N GLU C 70 -27.99 -10.40 3.87
CA GLU C 70 -28.21 -11.15 5.11
C GLU C 70 -27.14 -12.21 5.35
N PHE C 71 -26.59 -12.21 6.56
CA PHE C 71 -25.47 -13.08 6.91
C PHE C 71 -25.63 -13.66 8.32
N THR C 72 -24.97 -14.80 8.56
CA THR C 72 -25.06 -15.49 9.84
C THR C 72 -23.68 -15.98 10.30
N LEU C 73 -23.39 -15.83 11.60
CA LEU C 73 -22.23 -16.44 12.21
C LEU C 73 -22.74 -17.53 13.13
N THR C 74 -22.31 -18.76 12.88
CA THR C 74 -22.69 -19.88 13.71
C THR C 74 -21.49 -20.43 14.47
N ILE C 75 -21.65 -20.59 15.78
CA ILE C 75 -20.67 -21.30 16.61
C ILE C 75 -21.33 -22.56 17.13
N SER C 76 -20.87 -23.72 16.66
CA SER C 76 -21.61 -24.96 16.86
C SER C 76 -21.56 -25.49 18.29
N SER C 77 -20.53 -25.11 19.04
CA SER C 77 -20.39 -25.56 20.43
C SER C 77 -19.53 -24.59 21.23
N LEU C 78 -20.19 -23.72 21.99
CA LEU C 78 -19.50 -22.63 22.70
C LEU C 78 -18.50 -23.08 23.74
N GLN C 79 -17.26 -22.68 23.55
CA GLN C 79 -16.23 -22.88 24.56
C GLN C 79 -16.10 -21.63 25.42
N SER C 80 -15.42 -21.78 26.55
CA SER C 80 -15.19 -20.68 27.48
C SER C 80 -14.60 -19.45 26.80
N GLU C 81 -13.67 -19.66 25.88
CA GLU C 81 -12.99 -18.56 25.20
C GLU C 81 -13.81 -17.92 24.06
N ASP C 82 -15.02 -18.42 23.82
CA ASP C 82 -15.86 -17.93 22.72
C ASP C 82 -16.76 -16.78 23.14
N PHE C 83 -16.92 -16.59 24.44
CA PHE C 83 -17.77 -15.50 24.93
C PHE C 83 -17.06 -14.16 24.80
N ALA C 84 -17.66 -13.27 24.00
CA ALA C 84 -17.01 -12.06 23.57
C ALA C 84 -18.01 -11.18 22.83
N VAL C 85 -17.53 -10.08 22.25
CA VAL C 85 -18.34 -9.24 21.37
C VAL C 85 -17.99 -9.60 19.93
N TYR C 86 -19.00 -9.68 19.07
CA TYR C 86 -18.80 -10.02 17.67
C TYR C 86 -19.32 -8.93 16.74
N TYR C 87 -18.47 -8.48 15.83
CA TYR C 87 -18.79 -7.42 14.86
C TYR C 87 -18.75 -7.97 13.44
N CYS C 88 -19.68 -7.53 12.61
CA CYS C 88 -19.59 -7.78 11.17
C CYS C 88 -19.11 -6.51 10.43
N GLN C 89 -18.50 -6.71 9.28
CA GLN C 89 -18.00 -5.60 8.48
C GLN C 89 -18.22 -5.83 6.99
N GLN C 90 -18.74 -4.80 6.34
CA GLN C 90 -19.03 -4.81 4.91
C GLN C 90 -17.89 -4.08 4.20
N TYR C 91 -17.36 -4.66 3.13
CA TYR C 91 -16.35 -3.98 2.33
C TYR C 91 -16.60 -4.11 0.83
N ASN C 92 -17.85 -3.97 0.44
CA ASN C 92 -18.24 -4.11 -0.95
C ASN C 92 -18.07 -2.86 -1.80
N ASN C 93 -18.23 -1.67 -1.21
CA ASN C 93 -18.33 -0.47 -2.05
C ASN C 93 -17.01 0.09 -2.60
N TRP C 94 -17.11 0.86 -3.68
CA TRP C 94 -15.96 1.56 -4.25
C TRP C 94 -16.40 2.85 -4.95
N PRO C 95 -15.76 3.99 -4.61
CA PRO C 95 -14.69 4.19 -3.63
C PRO C 95 -15.05 3.61 -2.26
N PRO C 96 -14.04 3.23 -1.47
CA PRO C 96 -14.29 2.43 -0.28
C PRO C 96 -14.86 3.28 0.85
N ARG C 97 -15.97 2.82 1.42
CA ARG C 97 -16.60 3.43 2.57
C ARG C 97 -17.11 2.31 3.44
N TYR C 98 -16.16 1.53 3.95
CA TYR C 98 -16.46 0.31 4.68
C TYR C 98 -17.06 0.64 6.04
N THR C 99 -17.94 -0.24 6.53
CA THR C 99 -18.70 0.03 7.74
C THR C 99 -18.88 -1.23 8.58
N PHE C 100 -19.03 -1.06 9.89
CA PHE C 100 -19.23 -2.17 10.82
C PHE C 100 -20.63 -2.18 11.38
N GLY C 101 -21.12 -3.36 11.76
CA GLY C 101 -22.33 -3.44 12.59
C GLY C 101 -22.00 -2.95 14.00
N GLN C 102 -23.03 -2.74 14.82
CA GLN C 102 -22.79 -2.22 16.17
C GLN C 102 -22.48 -3.32 17.20
N GLY C 103 -22.32 -4.54 16.72
CA GLY C 103 -21.87 -5.65 17.56
C GLY C 103 -22.96 -6.44 18.25
N THR C 104 -22.71 -7.73 18.43
CA THR C 104 -23.53 -8.58 19.30
C THR C 104 -22.67 -9.05 20.45
N ARG C 105 -23.10 -8.76 21.67
CA ARG C 105 -22.43 -9.28 22.86
C ARG C 105 -22.94 -10.69 23.23
N LEU C 106 -22.05 -11.67 23.15
CA LEU C 106 -22.39 -13.05 23.47
C LEU C 106 -21.89 -13.38 24.88
N GLU C 107 -22.83 -13.59 25.81
CA GLU C 107 -22.47 -13.85 27.21
C GLU C 107 -22.93 -15.22 27.70
N ILE C 108 -22.38 -15.66 28.84
CA ILE C 108 -22.66 -16.97 29.42
C ILE C 108 -23.98 -16.97 30.16
N LYS C 109 -24.86 -17.88 29.77
CA LYS C 109 -26.16 -17.99 30.43
C LYS C 109 -26.10 -18.97 31.59
N ARG C 110 -26.40 -18.47 32.79
CA ARG C 110 -26.43 -19.32 33.97
C ARG C 110 -27.72 -19.11 34.74
N THR C 111 -27.82 -19.73 35.91
CA THR C 111 -29.02 -19.59 36.71
C THR C 111 -29.02 -18.21 37.37
N VAL C 112 -30.21 -17.77 37.76
CA VAL C 112 -30.38 -16.51 38.45
C VAL C 112 -29.65 -16.54 39.79
N ALA C 113 -28.88 -15.49 40.06
CA ALA C 113 -28.19 -15.32 41.33
C ALA C 113 -28.44 -13.90 41.83
N ALA C 114 -29.15 -13.80 42.95
CA ALA C 114 -29.44 -12.52 43.56
C ALA C 114 -28.16 -11.83 44.02
N PRO C 115 -28.12 -10.48 43.92
CA PRO C 115 -26.95 -9.74 44.40
C PRO C 115 -26.88 -9.63 45.92
N SER C 116 -25.65 -9.62 46.46
CA SER C 116 -25.41 -9.18 47.82
C SER C 116 -25.20 -7.68 47.76
N VAL C 117 -25.95 -6.93 48.57
CA VAL C 117 -25.91 -5.48 48.51
C VAL C 117 -25.20 -4.89 49.72
N PHE C 118 -24.23 -4.01 49.48
CA PHE C 118 -23.51 -3.33 50.54
C PHE C 118 -23.52 -1.82 50.31
N ILE C 119 -23.56 -1.06 51.39
CA ILE C 119 -23.55 0.40 51.28
C ILE C 119 -22.44 1.02 52.12
N PHE C 120 -21.68 1.93 51.51
CA PHE C 120 -20.59 2.61 52.20
C PHE C 120 -20.87 4.09 52.39
N PRO C 121 -20.82 4.57 53.64
CA PRO C 121 -20.83 6.01 53.86
C PRO C 121 -19.53 6.64 53.39
N PRO C 122 -19.52 7.96 53.15
CA PRO C 122 -18.29 8.67 52.79
C PRO C 122 -17.27 8.64 53.92
N SER C 123 -15.99 8.59 53.55
CA SER C 123 -14.91 8.57 54.52
C SER C 123 -14.79 9.93 55.21
N ASP C 124 -14.12 9.96 56.36
CA ASP C 124 -13.86 11.21 57.06
C ASP C 124 -12.92 12.09 56.24
N GLU C 125 -11.96 11.44 55.60
CA GLU C 125 -10.97 12.15 54.78
C GLU C 125 -11.62 12.91 53.63
N GLN C 126 -12.58 12.29 52.96
CA GLN C 126 -13.27 12.95 51.84
C GLN C 126 -14.17 14.08 52.33
N LEU C 127 -14.91 13.82 53.41
CA LEU C 127 -15.72 14.86 54.04
C LEU C 127 -14.85 16.04 54.40
N LYS C 128 -13.63 15.75 54.83
CA LYS C 128 -12.65 16.77 55.19
C LYS C 128 -12.29 17.64 53.98
N SER C 129 -12.40 17.07 52.78
CA SER C 129 -12.10 17.81 51.55
C SER C 129 -13.29 18.61 51.02
N GLY C 130 -14.49 18.29 51.49
CA GLY C 130 -15.68 19.07 51.16
C GLY C 130 -16.76 18.40 50.33
N THR C 131 -16.54 17.15 49.92
CA THR C 131 -17.57 16.42 49.18
C THR C 131 -17.89 15.06 49.77
N ALA C 132 -19.07 14.55 49.47
CA ALA C 132 -19.53 13.30 50.05
C ALA C 132 -19.97 12.30 48.99
N SER C 133 -19.17 11.26 48.78
CA SER C 133 -19.56 10.18 47.89
C SER C 133 -20.11 9.03 48.70
N VAL C 134 -21.25 8.50 48.25
CA VAL C 134 -21.86 7.32 48.87
C VAL C 134 -21.85 6.19 47.85
N VAL C 135 -21.37 5.02 48.26
CA VAL C 135 -21.23 3.90 47.33
C VAL C 135 -22.16 2.73 47.66
N CYS C 136 -22.99 2.35 46.68
CA CYS C 136 -23.88 1.20 46.82
C CYS C 136 -23.37 0.07 45.90
N LEU C 137 -23.05 -1.08 46.49
CA LEU C 137 -22.46 -2.18 45.76
C LEU C 137 -23.41 -3.38 45.62
N LEU C 138 -23.56 -3.87 44.40
CA LEU C 138 -24.31 -5.09 44.11
C LEU C 138 -23.31 -6.15 43.69
N ASN C 139 -23.08 -7.14 44.54
CA ASN C 139 -22.02 -8.10 44.27
C ASN C 139 -22.50 -9.46 43.77
N ASN C 140 -21.90 -9.90 42.66
CA ASN C 140 -22.03 -11.27 42.15
C ASN C 140 -23.45 -11.73 41.86
N PHE C 141 -24.08 -11.11 40.88
CA PHE C 141 -25.46 -11.47 40.51
C PHE C 141 -25.60 -11.86 39.06
N TYR C 142 -26.76 -12.43 38.74
CA TYR C 142 -27.10 -12.78 37.37
C TYR C 142 -28.62 -12.80 37.24
N PRO C 143 -29.16 -12.33 36.09
CA PRO C 143 -28.50 -11.72 34.93
C PRO C 143 -28.03 -10.28 35.16
N ARG C 144 -27.47 -9.67 34.10
CA ARG C 144 -26.84 -8.36 34.18
C ARG C 144 -27.80 -7.23 34.56
N GLU C 145 -29.06 -7.37 34.18
CA GLU C 145 -30.05 -6.30 34.39
C GLU C 145 -30.38 -6.10 35.87
N ALA C 146 -30.34 -4.85 36.29
CA ALA C 146 -30.63 -4.46 37.67
C ALA C 146 -31.05 -3.01 37.72
N LYS C 147 -31.94 -2.69 38.65
CA LYS C 147 -32.38 -1.32 38.88
C LYS C 147 -31.88 -0.88 40.26
N VAL C 148 -31.29 0.30 40.31
CA VAL C 148 -30.77 0.85 41.57
C VAL C 148 -31.24 2.29 41.72
N GLN C 149 -31.89 2.59 42.83
CA GLN C 149 -32.41 3.93 43.08
C GLN C 149 -31.94 4.48 44.41
N TRP C 150 -31.65 5.78 44.43
CA TRP C 150 -31.22 6.44 45.65
C TRP C 150 -32.36 7.24 46.26
N LYS C 151 -32.52 7.12 47.57
CA LYS C 151 -33.50 7.91 48.29
C LYS C 151 -32.85 8.58 49.49
N VAL C 152 -32.97 9.90 49.54
CA VAL C 152 -32.45 10.68 50.66
C VAL C 152 -33.64 11.23 51.45
N ASP C 153 -33.80 10.72 52.68
CA ASP C 153 -34.96 11.04 53.52
C ASP C 153 -36.25 10.57 52.87
N ASN C 154 -36.19 9.42 52.21
CA ASN C 154 -37.32 8.82 51.53
C ASN C 154 -37.78 9.66 50.33
N ALA C 155 -36.82 10.37 49.72
CA ALA C 155 -37.09 11.20 48.55
C ALA C 155 -36.24 10.77 47.37
N LEU C 156 -36.90 10.24 46.34
CA LEU C 156 -36.23 9.66 45.18
C LEU C 156 -35.24 10.63 44.53
N GLN C 157 -33.99 10.18 44.37
CA GLN C 157 -32.94 11.00 43.77
C GLN C 157 -32.80 10.74 42.28
N SER C 158 -32.49 11.78 41.53
CA SER C 158 -32.25 11.64 40.09
C SER C 158 -31.24 12.65 39.58
N GLY C 159 -30.32 12.17 38.74
CA GLY C 159 -29.35 13.04 38.08
C GLY C 159 -28.07 13.29 38.86
N ASN C 160 -27.91 12.62 40.00
CA ASN C 160 -26.71 12.82 40.81
C ASN C 160 -25.98 11.54 41.23
N SER C 161 -26.17 10.47 40.46
CA SER C 161 -25.46 9.21 40.69
C SER C 161 -24.93 8.62 39.38
N GLN C 162 -23.95 7.75 39.49
CA GLN C 162 -23.36 7.08 38.32
C GLN C 162 -23.07 5.62 38.61
N GLU C 163 -23.44 4.76 37.66
CA GLU C 163 -23.25 3.33 37.77
C GLU C 163 -22.05 2.82 36.98
N SER C 164 -21.44 1.76 37.48
CA SER C 164 -20.40 1.05 36.74
C SER C 164 -20.61 -0.45 36.90
N VAL C 165 -20.43 -1.22 35.82
CA VAL C 165 -20.61 -2.66 35.88
C VAL C 165 -19.37 -3.37 35.37
N THR C 166 -19.03 -4.48 36.02
CA THR C 166 -17.86 -5.26 35.65
C THR C 166 -18.13 -6.16 34.43
N GLU C 167 -17.07 -6.69 33.85
CA GLU C 167 -17.21 -7.72 32.84
C GLU C 167 -17.71 -8.98 33.54
N GLN C 168 -18.34 -9.89 32.80
CA GLN C 168 -18.83 -11.14 33.38
C GLN C 168 -17.66 -11.91 33.99
N ASP C 169 -17.82 -12.37 35.23
CA ASP C 169 -16.73 -13.06 35.93
C ASP C 169 -16.33 -14.38 35.26
N SER C 170 -15.03 -14.56 35.05
CA SER C 170 -14.51 -15.71 34.31
C SER C 170 -14.64 -17.04 35.04
N LYS C 171 -15.03 -17.00 36.30
CA LYS C 171 -15.13 -18.22 37.10
C LYS C 171 -16.57 -18.59 37.45
N ASP C 172 -17.37 -17.63 37.89
CA ASP C 172 -18.76 -17.94 38.25
C ASP C 172 -19.83 -17.31 37.34
N SER C 173 -19.39 -16.54 36.34
CA SER C 173 -20.30 -15.98 35.33
C SER C 173 -21.29 -14.93 35.83
N THR C 174 -20.96 -14.28 36.95
CA THR C 174 -21.80 -13.25 37.52
C THR C 174 -21.31 -11.86 37.14
N TYR C 175 -22.10 -10.85 37.48
CA TYR C 175 -21.71 -9.46 37.32
C TYR C 175 -21.67 -8.76 38.66
N SER C 176 -20.97 -7.63 38.73
CA SER C 176 -21.03 -6.79 39.90
C SER C 176 -21.26 -5.38 39.41
N LEU C 177 -21.89 -4.55 40.25
CA LEU C 177 -22.24 -3.19 39.85
C LEU C 177 -22.05 -2.25 41.03
N SER C 178 -21.47 -1.08 40.77
CA SER C 178 -21.37 -0.04 41.77
C SER C 178 -22.28 1.11 41.36
N SER C 179 -22.92 1.73 42.34
CA SER C 179 -23.68 2.95 42.11
C SER C 179 -23.23 3.99 43.11
N THR C 180 -22.75 5.12 42.61
CA THR C 180 -22.13 6.14 43.44
C THR C 180 -22.94 7.43 43.46
N LEU C 181 -23.38 7.83 44.65
CA LEU C 181 -24.12 9.08 44.82
C LEU C 181 -23.15 10.14 45.32
N THR C 182 -23.09 11.26 44.60
CA THR C 182 -22.19 12.34 45.02
C THR C 182 -22.91 13.65 45.26
N LEU C 183 -22.76 14.18 46.46
CA LEU C 183 -23.21 15.54 46.78
C LEU C 183 -22.20 16.29 47.65
N SER C 184 -22.33 17.61 47.69
CA SER C 184 -21.42 18.43 48.49
C SER C 184 -21.60 18.16 49.97
N LYS C 185 -20.60 18.52 50.76
CA LYS C 185 -20.68 18.35 52.22
C LYS C 185 -21.91 19.06 52.77
N ALA C 186 -22.16 20.28 52.31
CA ALA C 186 -23.27 21.10 52.78
C ALA C 186 -24.63 20.43 52.58
N ASP C 187 -24.84 19.87 51.39
CA ASP C 187 -26.10 19.21 51.07
C ASP C 187 -26.21 17.84 51.74
N TYR C 188 -25.08 17.20 51.97
CA TYR C 188 -25.03 15.90 52.62
C TYR C 188 -25.45 16.01 54.09
N GLU C 189 -25.11 17.13 54.71
CA GLU C 189 -25.42 17.36 56.12
C GLU C 189 -26.80 17.98 56.31
N LYS C 190 -27.55 18.10 55.22
CA LYS C 190 -28.88 18.67 55.25
C LYS C 190 -29.94 17.57 55.39
N HIS C 191 -29.52 16.32 55.24
CA HIS C 191 -30.45 15.18 55.26
C HIS C 191 -29.99 14.05 56.16
N LYS C 192 -30.95 13.19 56.55
CA LYS C 192 -30.73 12.15 57.55
C LYS C 192 -30.39 10.78 56.94
N VAL C 193 -31.40 10.11 56.39
CA VAL C 193 -31.22 8.72 55.92
C VAL C 193 -30.76 8.64 54.47
N TYR C 194 -29.83 7.73 54.21
CA TYR C 194 -29.32 7.49 52.86
C TYR C 194 -29.49 6.02 52.49
N ALA C 195 -30.35 5.77 51.51
CA ALA C 195 -30.73 4.40 51.15
C ALA C 195 -30.62 4.14 49.66
N CYS C 196 -30.07 2.98 49.29
CA CYS C 196 -30.16 2.53 47.91
C CYS C 196 -31.11 1.35 47.80
N GLU C 197 -32.09 1.48 46.91
CA GLU C 197 -33.11 0.46 46.68
C GLU C 197 -32.75 -0.35 45.44
N VAL C 198 -32.70 -1.66 45.58
CA VAL C 198 -32.20 -2.52 44.51
C VAL C 198 -33.27 -3.48 43.98
N THR C 199 -33.45 -3.49 42.67
CA THR C 199 -34.37 -4.41 42.01
C THR C 199 -33.62 -5.37 41.10
N HIS C 200 -33.91 -6.67 41.24
CA HIS C 200 -33.27 -7.70 40.45
C HIS C 200 -34.15 -8.94 40.41
N GLN C 201 -34.02 -9.74 39.36
CA GLN C 201 -34.86 -10.91 39.14
C GLN C 201 -34.71 -11.96 40.24
N GLY C 202 -33.54 -11.99 40.88
CA GLY C 202 -33.26 -12.96 41.92
C GLY C 202 -33.86 -12.61 43.27
N LEU C 203 -34.42 -11.42 43.38
CA LEU C 203 -35.01 -10.92 44.62
C LEU C 203 -36.52 -10.93 44.56
N SER C 204 -37.15 -11.37 45.63
CA SER C 204 -38.61 -11.41 45.69
C SER C 204 -39.17 -10.00 45.90
N SER C 205 -38.60 -9.28 46.84
CA SER C 205 -38.96 -7.89 47.09
C SER C 205 -37.72 -7.04 46.88
N PRO C 206 -37.90 -5.80 46.39
CA PRO C 206 -36.77 -4.89 46.26
C PRO C 206 -36.01 -4.78 47.57
N VAL C 207 -34.68 -4.86 47.51
CA VAL C 207 -33.84 -4.78 48.71
C VAL C 207 -33.33 -3.36 48.96
N THR C 208 -33.45 -2.91 50.21
CA THR C 208 -32.97 -1.58 50.59
C THR C 208 -31.87 -1.67 51.66
N LYS C 209 -30.72 -1.08 51.37
CA LYS C 209 -29.66 -0.93 52.37
C LYS C 209 -29.52 0.54 52.71
N SER C 210 -29.31 0.86 53.98
CA SER C 210 -29.23 2.26 54.40
C SER C 210 -28.38 2.50 55.64
N PHE C 211 -28.07 3.77 55.89
CA PHE C 211 -27.38 4.19 57.10
C PHE C 211 -27.85 5.59 57.48
N ASN C 212 -27.90 5.87 58.78
CA ASN C 212 -28.22 7.21 59.24
C ASN C 212 -26.96 8.07 59.32
N ARG C 213 -26.96 9.17 58.59
CA ARG C 213 -25.81 10.07 58.54
C ARG C 213 -25.36 10.44 59.96
N GLY C 214 -24.25 9.83 60.39
CA GLY C 214 -23.71 10.06 61.72
C GLY C 214 -24.43 9.27 62.80
N GLU D 1 3.83 -13.27 8.18
CA GLU D 1 2.91 -12.59 9.13
C GLU D 1 3.50 -11.30 9.70
N VAL D 2 2.84 -10.18 9.42
CA VAL D 2 3.32 -8.88 9.89
C VAL D 2 2.92 -8.62 11.34
N GLN D 3 3.81 -8.04 12.13
CA GLN D 3 3.50 -7.63 13.49
C GLN D 3 3.41 -6.11 13.57
N LEU D 4 2.28 -5.61 14.05
CA LEU D 4 2.03 -4.17 14.12
C LEU D 4 2.18 -3.64 15.54
N VAL D 5 3.13 -2.72 15.72
CA VAL D 5 3.39 -2.09 17.01
C VAL D 5 3.13 -0.59 16.93
N GLU D 6 2.20 -0.09 17.74
CA GLU D 6 1.80 1.31 17.68
C GLU D 6 2.48 2.15 18.76
N SER D 7 2.50 3.47 18.54
CA SER D 7 3.11 4.39 19.49
C SER D 7 2.24 4.57 20.75
N GLY D 8 2.81 5.25 21.74
CA GLY D 8 2.17 5.39 23.05
C GLY D 8 0.93 6.25 23.12
N ALA D 9 0.25 6.19 24.26
CA ALA D 9 -0.99 6.93 24.50
C ALA D 9 -0.80 8.45 24.38
N GLU D 10 -1.83 9.11 23.88
CA GLU D 10 -1.77 10.55 23.64
C GLU D 10 -2.85 11.29 24.43
N VAL D 11 -2.50 12.47 24.95
CA VAL D 11 -3.45 13.33 25.62
C VAL D 11 -3.43 14.70 24.96
N LYS D 12 -4.58 15.15 24.45
CA LYS D 12 -4.67 16.39 23.70
C LYS D 12 -5.80 17.28 24.19
N LYS D 13 -5.62 18.59 24.02
CA LYS D 13 -6.70 19.54 24.24
C LYS D 13 -7.57 19.58 22.99
N PRO D 14 -8.89 19.81 23.15
CA PRO D 14 -9.73 19.94 21.96
C PRO D 14 -9.21 21.04 21.04
N GLY D 15 -9.15 20.75 19.73
CA GLY D 15 -8.65 21.72 18.77
C GLY D 15 -7.23 21.44 18.31
N SER D 16 -6.52 20.58 19.05
CA SER D 16 -5.17 20.17 18.69
C SER D 16 -5.16 19.13 17.57
N SER D 17 -3.98 18.75 17.11
CA SER D 17 -3.86 17.64 16.18
C SER D 17 -3.11 16.50 16.86
N VAL D 18 -3.30 15.28 16.36
CA VAL D 18 -2.55 14.12 16.82
C VAL D 18 -2.01 13.34 15.64
N LYS D 19 -0.81 12.79 15.79
CA LYS D 19 -0.24 11.91 14.78
C LYS D 19 0.29 10.65 15.43
N VAL D 20 -0.42 9.54 15.22
CA VAL D 20 -0.05 8.24 15.79
C VAL D 20 0.59 7.35 14.73
N SER D 21 1.53 6.51 15.15
CA SER D 21 2.28 5.69 14.21
C SER D 21 2.15 4.20 14.48
N CYS D 22 2.67 3.41 13.55
CA CYS D 22 2.49 1.97 13.57
C CYS D 22 3.60 1.30 12.77
N LYS D 23 4.52 0.65 13.47
CA LYS D 23 5.64 -0.03 12.83
C LYS D 23 5.27 -1.47 12.46
N ALA D 24 5.25 -1.75 11.15
CA ALA D 24 5.00 -3.10 10.64
C ALA D 24 6.30 -3.85 10.42
N SER D 25 6.46 -5.00 11.06
CA SER D 25 7.65 -5.83 10.85
C SER D 25 7.29 -7.30 10.61
N GLY D 26 8.17 -8.03 9.95
CA GLY D 26 7.97 -9.46 9.72
C GLY D 26 7.77 -9.90 8.27
N ASP D 27 7.28 -9.00 7.42
CA ASP D 27 6.96 -9.35 6.04
C ASP D 27 7.28 -8.18 5.11
N THR D 28 6.93 -8.33 3.82
CA THR D 28 7.20 -7.27 2.84
C THR D 28 6.14 -6.18 2.91
N PHE D 29 6.56 -5.02 3.38
CA PHE D 29 5.69 -3.86 3.66
C PHE D 29 4.77 -3.44 2.50
N ILE D 30 5.34 -3.20 1.32
CA ILE D 30 4.54 -2.72 0.19
C ILE D 30 3.52 -3.73 -0.35
N ARG D 31 3.53 -4.96 0.18
CA ARG D 31 2.54 -5.97 -0.20
C ARG D 31 1.33 -5.99 0.71
N TYR D 32 1.29 -5.06 1.67
CA TYR D 32 0.15 -4.91 2.56
C TYR D 32 -0.57 -3.58 2.35
N SER D 33 -1.87 -3.56 2.57
CA SER D 33 -2.59 -2.31 2.73
C SER D 33 -2.89 -2.13 4.21
N PHE D 34 -2.94 -0.88 4.65
CA PHE D 34 -3.15 -0.59 6.07
C PHE D 34 -4.37 0.28 6.31
N THR D 35 -5.13 -0.08 7.33
CA THR D 35 -6.38 0.58 7.66
C THR D 35 -6.33 1.09 9.09
N TRP D 36 -6.97 2.23 9.34
CA TRP D 36 -7.13 2.73 10.70
C TRP D 36 -8.58 2.62 11.13
N VAL D 37 -8.79 2.10 12.35
CA VAL D 37 -10.11 1.83 12.90
C VAL D 37 -10.09 2.35 14.33
N ARG D 38 -11.14 3.04 14.76
CA ARG D 38 -11.16 3.56 16.13
C ARG D 38 -12.39 3.08 16.89
N GLN D 39 -12.33 3.21 18.21
CA GLN D 39 -13.40 2.73 19.08
C GLN D 39 -13.52 3.60 20.32
N ALA D 40 -14.63 4.36 20.40
CA ALA D 40 -14.87 5.20 21.55
C ALA D 40 -15.22 4.30 22.75
N PRO D 41 -14.90 4.75 23.97
CA PRO D 41 -15.19 3.94 25.15
C PRO D 41 -16.65 3.46 25.19
N GLY D 42 -16.83 2.15 25.27
CA GLY D 42 -18.18 1.56 25.31
C GLY D 42 -18.90 1.56 23.97
N GLN D 43 -18.22 1.94 22.90
CA GLN D 43 -18.83 2.03 21.58
C GLN D 43 -18.30 0.95 20.64
N GLY D 44 -18.86 0.88 19.43
CA GLY D 44 -18.44 -0.10 18.43
C GLY D 44 -17.22 0.35 17.64
N LEU D 45 -16.85 -0.43 16.63
CA LEU D 45 -15.72 -0.08 15.78
C LEU D 45 -16.14 0.86 14.65
N GLU D 46 -15.23 1.76 14.28
CA GLU D 46 -15.48 2.72 13.21
C GLU D 46 -14.29 2.81 12.26
N TRP D 47 -14.54 2.44 11.01
CA TRP D 47 -13.56 2.51 9.92
C TRP D 47 -13.23 3.97 9.63
N MET D 48 -11.95 4.33 9.60
CA MET D 48 -11.56 5.71 9.34
C MET D 48 -11.02 5.93 7.93
N GLY D 49 -10.24 4.97 7.44
CA GLY D 49 -9.63 5.07 6.12
C GLY D 49 -8.61 3.97 5.91
N ARG D 50 -8.05 3.93 4.71
CA ARG D 50 -7.16 2.84 4.29
C ARG D 50 -6.16 3.33 3.25
N ILE D 51 -4.91 2.92 3.37
CA ILE D 51 -3.92 3.28 2.36
C ILE D 51 -3.39 2.08 1.56
N ILE D 52 -3.40 2.24 0.24
CA ILE D 52 -2.76 1.32 -0.70
C ILE D 52 -1.28 1.68 -0.71
N THR D 53 -0.52 1.01 0.16
CA THR D 53 0.88 1.35 0.41
C THR D 53 1.74 1.45 -0.84
N ILE D 54 1.62 0.47 -1.74
CA ILE D 54 2.44 0.39 -2.94
C ILE D 54 2.26 1.63 -3.82
N LEU D 55 1.03 2.14 -3.87
CA LEU D 55 0.68 3.29 -4.72
C LEU D 55 0.74 4.61 -3.96
N ASP D 56 0.72 4.53 -2.63
CA ASP D 56 0.77 5.72 -1.79
C ASP D 56 -0.55 6.51 -1.92
N VAL D 57 -1.65 5.78 -2.00
CA VAL D 57 -2.98 6.36 -2.18
C VAL D 57 -3.90 5.96 -1.03
N ALA D 58 -4.51 6.93 -0.36
CA ALA D 58 -5.39 6.66 0.77
C ALA D 58 -6.82 7.11 0.52
N HIS D 59 -7.78 6.37 1.07
CA HIS D 59 -9.19 6.72 0.97
C HIS D 59 -9.79 6.82 2.37
N TYR D 60 -10.69 7.78 2.57
CA TYR D 60 -11.18 8.11 3.91
C TYR D 60 -12.69 8.02 4.04
N ALA D 61 -13.17 7.79 5.26
CA ALA D 61 -14.59 7.83 5.57
C ALA D 61 -15.11 9.27 5.43
N PRO D 62 -16.31 9.43 4.85
CA PRO D 62 -16.90 10.73 4.52
C PRO D 62 -17.02 11.68 5.71
N HIS D 63 -17.33 11.15 6.89
CA HIS D 63 -17.54 11.98 8.08
C HIS D 63 -16.21 12.50 8.61
N LEU D 64 -15.12 11.99 8.05
CA LEU D 64 -13.77 12.36 8.44
C LEU D 64 -13.08 13.18 7.34
N GLN D 65 -13.52 13.01 6.09
CA GLN D 65 -12.93 13.73 4.96
C GLN D 65 -12.59 15.17 5.30
N GLY D 66 -11.35 15.57 5.02
CA GLY D 66 -10.92 16.95 5.24
C GLY D 66 -10.06 17.18 6.47
N ARG D 67 -10.09 16.26 7.42
CA ARG D 67 -9.25 16.44 8.63
C ARG D 67 -8.47 15.20 9.05
N VAL D 68 -8.47 14.19 8.21
CA VAL D 68 -7.70 12.97 8.48
C VAL D 68 -6.71 12.73 7.35
N THR D 69 -5.49 12.33 7.71
CA THR D 69 -4.47 11.96 6.73
C THR D 69 -3.75 10.67 7.11
N ILE D 70 -3.72 9.72 6.20
CA ILE D 70 -2.97 8.49 6.42
C ILE D 70 -1.78 8.45 5.48
N THR D 71 -0.59 8.26 6.03
CA THR D 71 0.63 8.17 5.25
C THR D 71 1.44 6.92 5.59
N ALA D 72 2.44 6.62 4.77
CA ALA D 72 3.31 5.47 4.99
C ALA D 72 4.75 5.79 4.59
N ASP D 73 5.70 5.47 5.47
CA ASP D 73 7.12 5.65 5.18
C ASP D 73 7.72 4.28 4.90
N LYS D 74 8.08 4.05 3.64
CA LYS D 74 8.56 2.74 3.19
C LYS D 74 9.97 2.43 3.68
N SER D 75 10.79 3.46 3.86
CA SER D 75 12.15 3.28 4.35
C SER D 75 12.19 2.81 5.81
N THR D 76 11.09 2.97 6.52
CA THR D 76 11.01 2.57 7.93
C THR D 76 9.86 1.60 8.21
N SER D 77 9.13 1.20 7.18
CA SER D 77 7.98 0.30 7.34
C SER D 77 6.97 0.80 8.36
N THR D 78 6.68 2.10 8.33
CA THR D 78 5.82 2.71 9.32
C THR D 78 4.61 3.40 8.69
N VAL D 79 3.45 3.22 9.31
CA VAL D 79 2.20 3.82 8.85
C VAL D 79 1.82 4.92 9.84
N TYR D 80 1.31 6.05 9.34
CA TYR D 80 0.94 7.17 10.22
C TYR D 80 -0.51 7.60 10.05
N LEU D 81 -1.14 7.95 11.17
CA LEU D 81 -2.48 8.52 11.16
C LEU D 81 -2.40 9.92 11.75
N GLU D 82 -2.89 10.90 11.00
CA GLU D 82 -3.01 12.26 11.54
C GLU D 82 -4.47 12.66 11.59
N LEU D 83 -4.90 13.11 12.76
CA LEU D 83 -6.26 13.59 12.95
C LEU D 83 -6.20 15.05 13.43
N ARG D 84 -6.80 15.96 12.66
CA ARG D 84 -6.71 17.39 12.93
C ARG D 84 -7.99 17.93 13.57
N ASN D 85 -7.90 19.16 14.08
CA ASN D 85 -9.03 19.82 14.73
C ASN D 85 -9.77 18.87 15.68
N LEU D 86 -9.00 18.26 16.58
CA LEU D 86 -9.52 17.25 17.49
C LEU D 86 -10.70 17.73 18.33
N ARG D 87 -11.71 16.88 18.44
CA ARG D 87 -12.85 17.15 19.31
C ARG D 87 -12.87 16.18 20.49
N SER D 88 -13.55 16.56 21.56
CA SER D 88 -13.65 15.69 22.74
C SER D 88 -14.24 14.33 22.35
N ASP D 89 -15.15 14.33 21.38
CA ASP D 89 -15.76 13.08 20.92
C ASP D 89 -14.83 12.26 20.01
N ASP D 90 -13.63 12.78 19.75
CA ASP D 90 -12.59 12.01 19.08
C ASP D 90 -11.82 11.11 20.06
N THR D 91 -12.15 11.23 21.35
CA THR D 91 -11.58 10.35 22.36
C THR D 91 -11.91 8.90 22.03
N ALA D 92 -10.89 8.06 21.91
CA ALA D 92 -11.08 6.67 21.49
C ALA D 92 -9.78 5.89 21.52
N VAL D 93 -9.89 4.57 21.41
CA VAL D 93 -8.72 3.78 21.12
C VAL D 93 -8.59 3.66 19.60
N TYR D 94 -7.41 3.99 19.10
CA TYR D 94 -7.14 3.98 17.66
C TYR D 94 -6.29 2.77 17.29
N PHE D 95 -6.86 1.89 16.47
CA PHE D 95 -6.20 0.66 16.06
C PHE D 95 -5.62 0.76 14.65
N CYS D 96 -4.36 0.35 14.52
CA CYS D 96 -3.74 0.15 13.23
C CYS D 96 -4.03 -1.30 12.81
N ALA D 97 -4.39 -1.52 11.55
CA ALA D 97 -4.70 -2.87 11.05
C ALA D 97 -4.26 -3.05 9.60
N GLY D 98 -4.04 -4.28 9.17
CA GLY D 98 -3.56 -4.52 7.82
C GLY D 98 -3.90 -5.88 7.24
N VAL D 99 -3.72 -6.01 5.93
CA VAL D 99 -3.96 -7.29 5.23
C VAL D 99 -3.04 -7.42 4.01
N TYR D 100 -2.65 -8.65 3.71
CA TYR D 100 -1.82 -8.98 2.57
C TYR D 100 -2.62 -8.90 1.26
N GLU D 101 -2.06 -8.24 0.25
CA GLU D 101 -2.79 -7.96 -0.97
C GLU D 101 -2.31 -8.77 -2.17
N GLY D 102 -1.24 -9.53 -1.99
CA GLY D 102 -0.67 -10.30 -3.09
C GLY D 102 0.72 -9.80 -3.44
N GLU D 103 1.25 -10.28 -4.56
CA GLU D 103 2.58 -9.92 -4.99
C GLU D 103 2.54 -8.54 -5.67
N ALA D 104 2.36 -7.51 -4.86
CA ALA D 104 2.06 -6.16 -5.36
C ALA D 104 3.18 -5.54 -6.21
N ASP D 105 4.41 -5.84 -5.83
CA ASP D 105 5.58 -5.38 -6.60
C ASP D 105 5.61 -5.98 -8.00
N GLU D 106 4.76 -6.99 -8.25
CA GLU D 106 4.62 -7.55 -9.60
C GLU D 106 3.26 -7.19 -10.19
N GLY D 107 2.57 -6.23 -9.58
CA GLY D 107 1.30 -5.74 -10.09
C GLY D 107 0.06 -6.57 -9.78
N GLU D 108 0.20 -7.54 -8.88
CA GLU D 108 -0.95 -8.32 -8.38
C GLU D 108 -1.52 -7.60 -7.17
N TYR D 109 -2.83 -7.39 -7.15
CA TYR D 109 -3.44 -6.67 -6.05
C TYR D 109 -4.90 -7.05 -5.88
N ASP D 110 -5.22 -7.69 -4.76
CA ASP D 110 -6.58 -8.18 -4.51
C ASP D 110 -7.52 -7.08 -4.01
N ASN D 111 -6.94 -5.99 -3.52
CA ASN D 111 -7.72 -4.96 -2.84
C ASN D 111 -8.66 -5.58 -1.81
N ASN D 112 -8.08 -6.22 -0.81
CA ASN D 112 -8.84 -6.81 0.30
C ASN D 112 -9.34 -5.72 1.26
N GLY D 113 -10.60 -5.83 1.66
CA GLY D 113 -11.18 -4.84 2.57
C GLY D 113 -11.24 -5.31 4.01
N PHE D 114 -10.96 -6.60 4.23
CA PHE D 114 -10.97 -7.18 5.58
C PHE D 114 -9.62 -6.98 6.27
N LEU D 115 -9.57 -7.25 7.57
CA LEU D 115 -8.40 -6.88 8.38
C LEU D 115 -7.86 -8.04 9.20
N LYS D 116 -6.79 -8.66 8.70
CA LYS D 116 -6.18 -9.82 9.34
C LYS D 116 -5.27 -9.45 10.51
N HIS D 117 -4.44 -8.43 10.33
CA HIS D 117 -3.46 -8.07 11.35
C HIS D 117 -3.84 -6.78 12.05
N TRP D 118 -3.70 -6.74 13.36
CA TRP D 118 -4.10 -5.60 14.18
C TRP D 118 -2.99 -5.21 15.16
N GLY D 119 -2.84 -3.90 15.37
CA GLY D 119 -1.93 -3.41 16.38
C GLY D 119 -2.58 -3.50 17.75
N GLN D 120 -1.83 -3.16 18.79
CA GLN D 120 -2.33 -3.27 20.15
C GLN D 120 -3.26 -2.11 20.51
N GLY D 121 -3.29 -1.08 19.68
CA GLY D 121 -4.16 0.08 19.92
C GLY D 121 -3.43 1.22 20.59
N THR D 122 -3.95 2.44 20.40
CA THR D 122 -3.41 3.65 21.02
C THR D 122 -4.57 4.46 21.57
N LEU D 123 -4.55 4.73 22.87
CA LEU D 123 -5.58 5.57 23.46
C LEU D 123 -5.30 7.04 23.17
N VAL D 124 -6.27 7.73 22.59
CA VAL D 124 -6.18 9.16 22.40
C VAL D 124 -7.28 9.82 23.18
N THR D 125 -6.93 10.54 24.23
CA THR D 125 -7.90 11.28 25.03
C THR D 125 -7.87 12.74 24.63
N VAL D 126 -9.04 13.27 24.27
CA VAL D 126 -9.18 14.67 23.92
C VAL D 126 -10.08 15.33 24.94
N SER D 127 -9.52 16.27 25.69
CA SER D 127 -10.27 16.88 26.78
C SER D 127 -9.64 18.20 27.21
N SER D 128 -10.48 19.11 27.70
CA SER D 128 -10.00 20.36 28.27
C SER D 128 -9.29 20.14 29.61
N ALA D 129 -9.48 18.97 30.21
CA ALA D 129 -8.91 18.68 31.52
C ALA D 129 -7.39 18.68 31.54
N SER D 130 -6.82 18.92 32.71
CA SER D 130 -5.37 18.81 32.92
C SER D 130 -5.02 17.54 33.69
N THR D 131 -3.83 17.00 33.42
CA THR D 131 -3.37 15.79 34.06
C THR D 131 -3.31 15.96 35.57
N LYS D 132 -3.90 15.01 36.29
CA LYS D 132 -3.79 15.01 37.74
C LYS D 132 -3.99 13.62 38.32
N GLY D 133 -3.34 13.37 39.45
CA GLY D 133 -3.47 12.12 40.18
C GLY D 133 -4.73 12.06 41.02
N PRO D 134 -5.23 10.85 41.26
CA PRO D 134 -6.48 10.60 41.97
C PRO D 134 -6.36 10.85 43.48
N SER D 135 -7.50 11.13 44.10
CA SER D 135 -7.63 11.13 45.55
C SER D 135 -8.18 9.77 45.93
N VAL D 136 -7.50 9.07 46.83
CA VAL D 136 -7.90 7.71 47.22
C VAL D 136 -8.49 7.67 48.62
N PHE D 137 -9.75 7.26 48.71
CA PHE D 137 -10.45 7.20 49.99
C PHE D 137 -10.81 5.77 50.35
N PRO D 138 -10.84 5.45 51.66
CA PRO D 138 -11.23 4.11 52.07
C PRO D 138 -12.73 3.88 51.98
N LEU D 139 -13.13 2.68 51.59
CA LEU D 139 -14.52 2.26 51.67
C LEU D 139 -14.59 1.25 52.81
N ALA D 140 -14.53 1.76 54.03
CA ALA D 140 -14.38 0.93 55.22
C ALA D 140 -15.50 -0.10 55.37
N PRO D 141 -15.16 -1.30 55.87
CA PRO D 141 -16.13 -2.34 56.18
C PRO D 141 -16.89 -2.01 57.45
N GLY D 149 -20.61 -13.48 58.01
CA GLY D 149 -19.91 -14.32 57.03
C GLY D 149 -18.84 -13.55 56.29
N THR D 150 -19.23 -12.86 55.21
CA THR D 150 -18.26 -12.10 54.44
C THR D 150 -18.42 -10.60 54.66
N ALA D 151 -17.30 -9.89 54.58
CA ALA D 151 -17.30 -8.44 54.69
C ALA D 151 -16.81 -7.83 53.39
N ALA D 152 -17.39 -6.70 53.00
CA ALA D 152 -16.98 -6.01 51.78
C ALA D 152 -16.23 -4.72 52.12
N LEU D 153 -15.10 -4.51 51.46
CA LEU D 153 -14.30 -3.31 51.66
C LEU D 153 -13.64 -2.87 50.36
N GLY D 154 -13.18 -1.64 50.30
CA GLY D 154 -12.51 -1.16 49.10
C GLY D 154 -11.87 0.21 49.19
N CYS D 155 -11.52 0.75 48.02
CA CYS D 155 -10.98 2.10 47.88
C CYS D 155 -11.70 2.83 46.76
N LEU D 156 -12.09 4.08 47.02
CA LEU D 156 -12.67 4.95 46.01
C LEU D 156 -11.55 5.76 45.36
N VAL D 157 -11.38 5.62 44.05
CA VAL D 157 -10.31 6.31 43.34
C VAL D 157 -10.89 7.43 42.48
N LYS D 158 -10.81 8.66 42.98
CA LYS D 158 -11.64 9.76 42.51
C LYS D 158 -10.85 10.95 41.98
N ASP D 159 -11.33 11.54 40.88
CA ASP D 159 -10.82 12.83 40.38
C ASP D 159 -9.43 12.77 39.78
N TYR D 160 -9.24 11.91 38.80
CA TYR D 160 -7.96 11.82 38.12
C TYR D 160 -8.14 12.00 36.62
N PHE D 161 -7.06 12.37 35.93
CA PHE D 161 -7.06 12.51 34.49
C PHE D 161 -5.64 12.35 33.96
N PRO D 162 -5.48 11.67 32.81
CA PRO D 162 -6.49 10.91 32.10
C PRO D 162 -6.48 9.45 32.55
N GLU D 163 -7.18 8.59 31.81
CA GLU D 163 -7.05 7.15 31.98
C GLU D 163 -5.66 6.73 31.49
N PRO D 164 -5.18 5.55 31.94
CA PRO D 164 -5.82 4.69 32.90
C PRO D 164 -5.19 4.78 34.28
N VAL D 165 -5.79 4.08 35.23
CA VAL D 165 -5.20 3.84 36.53
C VAL D 165 -5.17 2.33 36.79
N THR D 166 -4.16 1.86 37.52
CA THR D 166 -4.08 0.45 37.91
C THR D 166 -4.27 0.31 39.42
N VAL D 167 -5.03 -0.71 39.82
CA VAL D 167 -5.29 -0.96 41.24
C VAL D 167 -4.96 -2.39 41.63
N SER D 168 -4.23 -2.56 42.72
CA SER D 168 -3.97 -3.88 43.29
C SER D 168 -4.15 -3.86 44.80
N TRP D 169 -4.32 -5.04 45.38
CA TRP D 169 -4.49 -5.16 46.82
C TRP D 169 -3.31 -5.90 47.43
N ASN D 170 -2.82 -5.37 48.55
CA ASN D 170 -1.68 -5.94 49.27
C ASN D 170 -0.45 -6.18 48.40
N SER D 171 -0.17 -5.22 47.51
CA SER D 171 0.97 -5.33 46.60
C SER D 171 0.88 -6.59 45.75
N GLY D 172 -0.34 -6.98 45.41
CA GLY D 172 -0.58 -8.13 44.55
C GLY D 172 -0.78 -9.44 45.29
N ALA D 173 -0.74 -9.39 46.62
CA ALA D 173 -0.87 -10.60 47.43
C ALA D 173 -2.33 -11.06 47.54
N LEU D 174 -3.26 -10.11 47.51
CA LEU D 174 -4.68 -10.42 47.55
C LEU D 174 -5.32 -10.19 46.18
N THR D 175 -5.95 -11.22 45.63
CA THR D 175 -6.55 -11.14 44.30
C THR D 175 -7.93 -11.80 44.24
N SER D 176 -8.16 -12.75 45.14
CA SER D 176 -9.44 -13.47 45.19
C SER D 176 -10.58 -12.55 45.64
N GLY D 177 -11.66 -12.51 44.85
CA GLY D 177 -12.85 -11.76 45.22
C GLY D 177 -12.73 -10.26 44.97
N VAL D 178 -11.71 -9.87 44.21
CA VAL D 178 -11.48 -8.47 43.87
C VAL D 178 -12.24 -8.04 42.63
N HIS D 179 -12.95 -6.92 42.74
CA HIS D 179 -13.63 -6.30 41.60
C HIS D 179 -13.25 -4.84 41.52
N THR D 180 -12.48 -4.50 40.48
CA THR D 180 -12.11 -3.13 40.19
C THR D 180 -12.97 -2.63 39.03
N PHE D 181 -13.81 -1.64 39.30
CA PHE D 181 -14.79 -1.22 38.30
C PHE D 181 -14.16 -0.33 37.23
N PRO D 182 -14.68 -0.42 35.99
CA PRO D 182 -14.28 0.49 34.94
C PRO D 182 -14.61 1.89 35.40
N ALA D 183 -13.75 2.85 35.09
CA ALA D 183 -13.95 4.23 35.50
C ALA D 183 -15.20 4.84 34.87
N VAL D 184 -15.72 5.88 35.52
CA VAL D 184 -16.78 6.68 34.91
C VAL D 184 -16.22 8.09 34.76
N LEU D 185 -16.74 8.81 33.78
CA LEU D 185 -16.38 10.21 33.58
C LEU D 185 -17.40 11.07 34.30
N GLN D 186 -16.94 11.82 35.30
CA GLN D 186 -17.80 12.72 36.05
C GLN D 186 -18.08 14.00 35.27
N SER D 187 -19.12 14.72 35.69
CA SER D 187 -19.51 15.98 35.06
C SER D 187 -18.41 17.05 35.18
N SER D 188 -17.40 16.77 36.00
CA SER D 188 -16.27 17.68 36.16
C SER D 188 -15.24 17.49 35.06
N GLY D 189 -15.30 16.37 34.35
CA GLY D 189 -14.29 16.05 33.34
C GLY D 189 -13.23 15.12 33.90
N LEU D 190 -13.38 14.76 35.16
CA LEU D 190 -12.41 13.89 35.84
C LEU D 190 -12.98 12.48 36.00
N TYR D 191 -12.09 11.49 36.04
CA TYR D 191 -12.51 10.10 36.15
C TYR D 191 -12.61 9.64 37.62
N SER D 192 -13.40 8.61 37.84
CA SER D 192 -13.57 8.03 39.17
C SER D 192 -13.88 6.54 39.02
N LEU D 193 -13.33 5.73 39.92
CA LEU D 193 -13.68 4.32 39.98
C LEU D 193 -13.56 3.79 41.41
N SER D 194 -14.17 2.64 41.65
CA SER D 194 -14.04 1.96 42.94
C SER D 194 -13.44 0.58 42.73
N SER D 195 -12.59 0.17 43.66
CA SER D 195 -12.09 -1.20 43.69
C SER D 195 -12.54 -1.82 45.00
N VAL D 196 -13.26 -2.93 44.93
CA VAL D 196 -13.76 -3.60 46.12
C VAL D 196 -13.32 -5.06 46.20
N VAL D 197 -13.31 -5.60 47.41
CA VAL D 197 -12.97 -6.99 47.65
C VAL D 197 -13.74 -7.51 48.85
N THR D 198 -14.16 -8.77 48.79
CA THR D 198 -14.84 -9.40 49.93
C THR D 198 -13.94 -10.40 50.64
N VAL D 199 -13.94 -10.34 51.97
CA VAL D 199 -13.11 -11.22 52.78
C VAL D 199 -13.91 -11.76 53.96
N PRO D 200 -13.41 -12.81 54.62
CA PRO D 200 -14.07 -13.31 55.83
C PRO D 200 -14.21 -12.19 56.87
N SER D 201 -15.42 -12.02 57.39
CA SER D 201 -15.68 -10.95 58.37
C SER D 201 -14.85 -11.13 59.64
N SER D 202 -14.30 -12.32 59.84
CA SER D 202 -13.48 -12.62 61.02
C SER D 202 -12.00 -12.30 60.76
N SER D 203 -11.69 -11.89 59.53
CA SER D 203 -10.33 -11.57 59.15
C SER D 203 -9.95 -10.16 59.56
N LEU D 204 -10.96 -9.33 59.80
CA LEU D 204 -10.75 -7.96 60.26
C LEU D 204 -10.21 -7.97 61.68
N GLY D 205 -9.06 -7.33 61.88
CA GLY D 205 -8.42 -7.30 63.19
C GLY D 205 -7.09 -8.02 63.22
N THR D 206 -6.90 -8.97 62.30
CA THR D 206 -5.66 -9.73 62.21
C THR D 206 -5.08 -9.72 60.79
N GLN D 207 -5.78 -9.06 59.88
CA GLN D 207 -5.29 -8.90 58.51
C GLN D 207 -5.51 -7.48 58.00
N THR D 208 -4.43 -6.78 57.72
CA THR D 208 -4.51 -5.41 57.23
C THR D 208 -4.64 -5.42 55.70
N TYR D 209 -5.60 -4.66 55.19
CA TYR D 209 -5.81 -4.56 53.75
C TYR D 209 -5.41 -3.20 53.21
N ILE D 210 -4.53 -3.19 52.21
CA ILE D 210 -4.05 -1.95 51.61
C ILE D 210 -4.26 -1.98 50.10
N CYS D 211 -4.94 -0.96 49.58
CA CYS D 211 -5.10 -0.87 48.13
C CYS D 211 -3.95 -0.06 47.53
N ASN D 212 -3.37 -0.60 46.47
CA ASN D 212 -2.29 0.07 45.77
C ASN D 212 -2.82 0.70 44.50
N VAL D 213 -2.65 2.01 44.38
CA VAL D 213 -3.19 2.74 43.23
C VAL D 213 -2.07 3.40 42.44
N ASN D 214 -1.95 3.04 41.16
CA ASN D 214 -0.93 3.63 40.30
C ASN D 214 -1.52 4.40 39.13
N HIS D 215 -1.16 5.67 39.02
CA HIS D 215 -1.57 6.50 37.89
C HIS D 215 -0.32 7.02 37.19
N LYS D 216 0.10 6.30 36.15
CA LYS D 216 1.36 6.58 35.46
C LYS D 216 1.45 7.97 34.80
N PRO D 217 0.33 8.45 34.23
CA PRO D 217 0.37 9.74 33.53
C PRO D 217 0.81 10.90 34.42
N SER D 218 0.44 10.85 35.70
CA SER D 218 0.82 11.89 36.65
C SER D 218 1.93 11.44 37.58
N ASN D 219 2.51 10.28 37.28
CA ASN D 219 3.57 9.71 38.12
C ASN D 219 3.17 9.61 39.58
N THR D 220 1.90 9.31 39.83
CA THR D 220 1.38 9.21 41.19
C THR D 220 1.23 7.75 41.63
N LYS D 221 1.63 7.48 42.87
CA LYS D 221 1.56 6.15 43.43
C LYS D 221 1.05 6.23 44.87
N VAL D 222 -0.14 5.71 45.12
CA VAL D 222 -0.75 5.77 46.45
C VAL D 222 -1.07 4.38 47.02
N ASP D 223 -0.87 4.24 48.34
CA ASP D 223 -1.24 3.03 49.06
C ASP D 223 -2.09 3.41 50.27
N LYS D 224 -3.38 3.07 50.24
CA LYS D 224 -4.29 3.47 51.31
C LYS D 224 -4.74 2.29 52.16
N LYS D 225 -4.45 2.38 53.46
CA LYS D 225 -4.87 1.37 54.42
C LYS D 225 -6.37 1.52 54.69
N VAL D 226 -7.12 0.45 54.47
CA VAL D 226 -8.56 0.46 54.73
C VAL D 226 -8.87 -0.33 56.00
N GLU D 227 -9.56 0.31 56.94
CA GLU D 227 -9.76 -0.27 58.27
C GLU D 227 -11.17 -0.06 58.82
N PRO D 228 -11.59 -0.92 59.77
CA PRO D 228 -12.83 -0.73 60.51
C PRO D 228 -12.82 0.59 61.30
N LYS D 229 -13.67 0.68 62.32
CA LYS D 229 -13.78 1.90 63.12
C LYS D 229 -13.57 3.16 62.27
#